data_1FMQ
# 
_entry.id   1FMQ 
# 
_audit_conform.dict_name       mmcif_pdbx.dic 
_audit_conform.dict_version    5.386 
_audit_conform.dict_location   http://mmcif.pdb.org/dictionaries/ascii/mmcif_pdbx.dic 
# 
loop_
_database_2.database_id 
_database_2.database_code 
_database_2.pdbx_database_accession 
_database_2.pdbx_DOI 
PDB   1FMQ         pdb_00001fmq 10.2210/pdb1fmq/pdb 
NDB   DD0034       ?            ?                   
RCSB  RCSB011719   ?            ?                   
WWPDB D_1000011719 ?            ?                   
# 
loop_
_pdbx_audit_revision_history.ordinal 
_pdbx_audit_revision_history.data_content_type 
_pdbx_audit_revision_history.major_revision 
_pdbx_audit_revision_history.minor_revision 
_pdbx_audit_revision_history.revision_date 
1 'Structure model' 1 0 2000-09-11 
2 'Structure model' 1 1 2008-04-27 
3 'Structure model' 1 2 2011-07-13 
4 'Structure model' 1 3 2017-10-04 
5 'Structure model' 1 4 2024-02-07 
# 
_pdbx_audit_revision_details.ordinal             1 
_pdbx_audit_revision_details.revision_ordinal    1 
_pdbx_audit_revision_details.data_content_type   'Structure model' 
_pdbx_audit_revision_details.provider            repository 
_pdbx_audit_revision_details.type                'Initial release' 
_pdbx_audit_revision_details.description         ? 
_pdbx_audit_revision_details.details             ? 
# 
loop_
_pdbx_audit_revision_group.ordinal 
_pdbx_audit_revision_group.revision_ordinal 
_pdbx_audit_revision_group.data_content_type 
_pdbx_audit_revision_group.group 
1 2 'Structure model' 'Version format compliance' 
2 3 'Structure model' 'Version format compliance' 
3 4 'Structure model' 'Refinement description'    
4 5 'Structure model' 'Data collection'           
5 5 'Structure model' 'Database references'       
6 5 'Structure model' 'Derived calculations'      
# 
loop_
_pdbx_audit_revision_category.ordinal 
_pdbx_audit_revision_category.revision_ordinal 
_pdbx_audit_revision_category.data_content_type 
_pdbx_audit_revision_category.category 
1 4 'Structure model' software               
2 5 'Structure model' chem_comp_atom         
3 5 'Structure model' chem_comp_bond         
4 5 'Structure model' database_2             
5 5 'Structure model' pdbx_struct_conn_angle 
6 5 'Structure model' struct_conn            
7 5 'Structure model' struct_site            
# 
loop_
_pdbx_audit_revision_item.ordinal 
_pdbx_audit_revision_item.revision_ordinal 
_pdbx_audit_revision_item.data_content_type 
_pdbx_audit_revision_item.item 
1  5 'Structure model' '_database_2.pdbx_DOI'                      
2  5 'Structure model' '_database_2.pdbx_database_accession'       
3  5 'Structure model' '_pdbx_struct_conn_angle.ptnr1_auth_seq_id' 
4  5 'Structure model' '_pdbx_struct_conn_angle.ptnr3_auth_seq_id' 
5  5 'Structure model' '_pdbx_struct_conn_angle.value'             
6  5 'Structure model' '_struct_conn.pdbx_dist_value'              
7  5 'Structure model' '_struct_conn.ptnr2_auth_seq_id'            
8  5 'Structure model' '_struct_site.pdbx_auth_asym_id'            
9  5 'Structure model' '_struct_site.pdbx_auth_comp_id'            
10 5 'Structure model' '_struct_site.pdbx_auth_seq_id'             
# 
_pdbx_database_status.status_code                     REL 
_pdbx_database_status.entry_id                        1FMQ 
_pdbx_database_status.recvd_initial_deposition_date   2000-08-18 
_pdbx_database_status.deposit_site                    NDB 
_pdbx_database_status.process_site                    NDB 
_pdbx_database_status.status_code_sf                  ? 
_pdbx_database_status.status_code_mr                  ? 
_pdbx_database_status.SG_entry                        N 
_pdbx_database_status.pdb_format_compatible           Y 
_pdbx_database_status.status_code_cs                  ? 
_pdbx_database_status.methods_development_category    ? 
_pdbx_database_status.status_code_nmr_data            ? 
# 
_pdbx_database_related.db_name        NDB 
_pdbx_database_related.db_id          DD0035 
_pdbx_database_related.details        . 
_pdbx_database_related.content_type   unspecified 
# 
loop_
_audit_author.name 
_audit_author.pdbx_ordinal 
'Simpson, I.J.' 1 
'Lee, M.'       2 
'Kumar, A.'     3 
'Boykin, D.W.'  4 
'Neidle, S.'    5 
# 
_citation.id                        primary 
_citation.title                     
'DNA minor groove interactions and the biological activity of 2,5-bis-[4-(N-alkylamidino)phenyl] furans' 
_citation.journal_abbrev            Bioorg.Med.Chem.Lett. 
_citation.journal_volume            10 
_citation.page_first                2593 
_citation.page_last                 2597 
_citation.year                      2000 
_citation.journal_id_ASTM           BMCLE8 
_citation.country                   UK 
_citation.journal_id_ISSN           0960-894X 
_citation.journal_id_CSD            1127 
_citation.book_publisher            ? 
_citation.pdbx_database_id_PubMed   11128631 
_citation.pdbx_database_id_DOI      '10.1016/S0960-894X(00)00511-4' 
# 
loop_
_citation_author.citation_id 
_citation_author.name 
_citation_author.ordinal 
_citation_author.identifier_ORCID 
primary 'Simpson, I.J.' 1 ? 
primary 'Lee, M.'       2 ? 
primary 'Kumar, A.'     3 ? 
primary 'Boykin, D.W.'  4 ? 
primary 'Neidle, S.'    5 ? 
# 
loop_
_entity.id 
_entity.type 
_entity.src_method 
_entity.pdbx_description 
_entity.formula_weight 
_entity.pdbx_number_of_molecules 
_entity.pdbx_ec 
_entity.pdbx_mutation 
_entity.pdbx_fragment 
_entity.details 
1 polymer     syn "5'-D(*CP*GP*CP*GP*AP*AP*TP*TP*CP*GP*CP*G)-3'"        3663.392 2  ? ? ? ? 
2 non-polymer syn 'MAGNESIUM ION'                                       24.305   1  ? ? ? ? 
3 non-polymer syn '2,5-BIS{[4-(N-CYCLOBUTYLDIAMINOMETHYL)PHENYL]}FURAN' 416.558  1  ? ? ? ? 
4 water       nat water                                                 18.015   97 ? ? ? ? 
# 
_entity_poly.entity_id                      1 
_entity_poly.type                           polydeoxyribonucleotide 
_entity_poly.nstd_linkage                   no 
_entity_poly.nstd_monomer                   no 
_entity_poly.pdbx_seq_one_letter_code       '(DC)(DG)(DC)(DG)(DA)(DA)(DT)(DT)(DC)(DG)(DC)(DG)' 
_entity_poly.pdbx_seq_one_letter_code_can   CGCGAATTCGCG 
_entity_poly.pdbx_strand_id                 A,B 
_entity_poly.pdbx_target_identifier         ? 
# 
loop_
_pdbx_entity_nonpoly.entity_id 
_pdbx_entity_nonpoly.name 
_pdbx_entity_nonpoly.comp_id 
2 'MAGNESIUM ION'                                       MG  
3 '2,5-BIS{[4-(N-CYCLOBUTYLDIAMINOMETHYL)PHENYL]}FURAN' D34 
4 water                                                 HOH 
# 
loop_
_entity_poly_seq.entity_id 
_entity_poly_seq.num 
_entity_poly_seq.mon_id 
_entity_poly_seq.hetero 
1 1  DC n 
1 2  DG n 
1 3  DC n 
1 4  DG n 
1 5  DA n 
1 6  DA n 
1 7  DT n 
1 8  DT n 
1 9  DC n 
1 10 DG n 
1 11 DC n 
1 12 DG n 
# 
loop_
_chem_comp.id 
_chem_comp.type 
_chem_comp.mon_nstd_flag 
_chem_comp.name 
_chem_comp.pdbx_synonyms 
_chem_comp.formula 
_chem_comp.formula_weight 
D34 non-polymer   . '2,5-BIS{[4-(N-CYCLOBUTYLDIAMINOMETHYL)PHENYL]}FURAN' ? 'C26 H32 N4 O'    416.558 
DA  'DNA linking' y "2'-DEOXYADENOSINE-5'-MONOPHOSPHATE"                  ? 'C10 H14 N5 O6 P' 331.222 
DC  'DNA linking' y "2'-DEOXYCYTIDINE-5'-MONOPHOSPHATE"                   ? 'C9 H14 N3 O7 P'  307.197 
DG  'DNA linking' y "2'-DEOXYGUANOSINE-5'-MONOPHOSPHATE"                  ? 'C10 H14 N5 O7 P' 347.221 
DT  'DNA linking' y "THYMIDINE-5'-MONOPHOSPHATE"                          ? 'C10 H15 N2 O8 P' 322.208 
HOH non-polymer   . WATER                                                 ? 'H2 O'            18.015  
MG  non-polymer   . 'MAGNESIUM ION'                                       ? 'Mg 2'            24.305  
# 
loop_
_pdbx_poly_seq_scheme.asym_id 
_pdbx_poly_seq_scheme.entity_id 
_pdbx_poly_seq_scheme.seq_id 
_pdbx_poly_seq_scheme.mon_id 
_pdbx_poly_seq_scheme.ndb_seq_num 
_pdbx_poly_seq_scheme.pdb_seq_num 
_pdbx_poly_seq_scheme.auth_seq_num 
_pdbx_poly_seq_scheme.pdb_mon_id 
_pdbx_poly_seq_scheme.auth_mon_id 
_pdbx_poly_seq_scheme.pdb_strand_id 
_pdbx_poly_seq_scheme.pdb_ins_code 
_pdbx_poly_seq_scheme.hetero 
A 1 1  DC 1  1  1  DC C A . n 
A 1 2  DG 2  2  2  DG G A . n 
A 1 3  DC 3  3  3  DC C A . n 
A 1 4  DG 4  4  4  DG G A . n 
A 1 5  DA 5  5  5  DA A A . n 
A 1 6  DA 6  6  6  DA A A . n 
A 1 7  DT 7  7  7  DT T A . n 
A 1 8  DT 8  8  8  DT T A . n 
A 1 9  DC 9  9  9  DC C A . n 
A 1 10 DG 10 10 10 DG G A . n 
A 1 11 DC 11 11 11 DC C A . n 
A 1 12 DG 12 12 12 DG G A . n 
B 1 1  DC 1  13 13 DC C B . n 
B 1 2  DG 2  14 14 DG G B . n 
B 1 3  DC 3  15 15 DC C B . n 
B 1 4  DG 4  16 16 DG G B . n 
B 1 5  DA 5  17 17 DA A B . n 
B 1 6  DA 6  18 18 DA A B . n 
B 1 7  DT 7  19 19 DT T B . n 
B 1 8  DT 8  20 20 DT T B . n 
B 1 9  DC 9  21 21 DC C B . n 
B 1 10 DG 10 22 22 DG G B . n 
B 1 11 DC 11 23 23 DC C B . n 
B 1 12 DG 12 24 24 DG G B . n 
# 
loop_
_pdbx_nonpoly_scheme.asym_id 
_pdbx_nonpoly_scheme.entity_id 
_pdbx_nonpoly_scheme.mon_id 
_pdbx_nonpoly_scheme.ndb_seq_num 
_pdbx_nonpoly_scheme.pdb_seq_num 
_pdbx_nonpoly_scheme.auth_seq_num 
_pdbx_nonpoly_scheme.pdb_mon_id 
_pdbx_nonpoly_scheme.auth_mon_id 
_pdbx_nonpoly_scheme.pdb_strand_id 
_pdbx_nonpoly_scheme.pdb_ins_code 
C 2 MG  1  26  26  MG  MO6 A . 
D 3 D34 1  25  25  D34 D34 A . 
E 4 HOH 1  28  28  HOH HOH A . 
E 4 HOH 2  29  29  HOH HOH A . 
E 4 HOH 3  32  32  HOH HOH A . 
E 4 HOH 4  33  33  HOH HOH A . 
E 4 HOH 5  34  34  HOH HOH A . 
E 4 HOH 6  35  35  HOH HOH A . 
E 4 HOH 7  36  36  HOH HOH A . 
E 4 HOH 8  38  38  HOH HOH A . 
E 4 HOH 9  39  39  HOH HOH A . 
E 4 HOH 10 41  41  HOH HOH A . 
E 4 HOH 11 42  42  HOH HOH A . 
E 4 HOH 12 45  45  HOH HOH A . 
E 4 HOH 13 46  46  HOH HOH A . 
E 4 HOH 14 47  47  HOH HOH A . 
E 4 HOH 15 48  48  HOH HOH A . 
E 4 HOH 16 49  49  HOH HOH A . 
E 4 HOH 17 50  50  HOH HOH A . 
E 4 HOH 18 52  52  HOH HOH A . 
E 4 HOH 19 54  54  HOH HOH A . 
E 4 HOH 20 58  58  HOH HOH A . 
E 4 HOH 21 60  60  HOH HOH A . 
E 4 HOH 22 62  62  HOH HOH A . 
E 4 HOH 23 63  63  HOH HOH A . 
E 4 HOH 24 65  65  HOH HOH A . 
E 4 HOH 25 70  70  HOH HOH A . 
E 4 HOH 26 75  75  HOH HOH A . 
E 4 HOH 27 77  77  HOH HOH A . 
E 4 HOH 28 78  78  HOH HOH A . 
E 4 HOH 29 79  79  HOH HOH A . 
E 4 HOH 30 80  80  HOH HOH A . 
E 4 HOH 31 82  82  HOH HOH A . 
E 4 HOH 32 88  88  HOH HOH A . 
E 4 HOH 33 90  90  HOH HOH A . 
E 4 HOH 34 91  91  HOH HOH A . 
E 4 HOH 35 92  92  HOH HOH A . 
E 4 HOH 36 93  93  HOH HOH A . 
E 4 HOH 37 94  94  HOH HOH A . 
E 4 HOH 38 95  95  HOH HOH A . 
E 4 HOH 39 96  96  HOH HOH A . 
E 4 HOH 40 97  97  HOH HOH A . 
E 4 HOH 41 98  98  HOH HOH A . 
E 4 HOH 42 100 100 HOH HOH A . 
E 4 HOH 43 102 102 HOH HOH A . 
E 4 HOH 44 103 103 HOH HOH A . 
E 4 HOH 45 104 104 HOH HOH A . 
E 4 HOH 46 107 107 HOH HOH A . 
E 4 HOH 47 109 109 HOH HOH A . 
E 4 HOH 48 110 110 HOH HOH A . 
E 4 HOH 49 113 113 HOH HOH A . 
E 4 HOH 50 114 114 HOH HOH A . 
E 4 HOH 51 116 116 HOH HOH A . 
E 4 HOH 52 117 117 HOH HOH A . 
E 4 HOH 53 120 120 HOH HOH A . 
E 4 HOH 54 122 122 HOH HOH A . 
E 4 HOH 55 127 127 HOH HOH A . 
E 4 HOH 56 128 26  HOH MO6 A . 
E 4 HOH 57 129 26  HOH MO6 A . 
E 4 HOH 58 130 26  HOH MO6 A . 
E 4 HOH 59 131 26  HOH MO6 A . 
E 4 HOH 60 132 26  HOH MO6 A . 
E 4 HOH 61 133 26  HOH MO6 A . 
F 4 HOH 1  30  30  HOH HOH B . 
F 4 HOH 2  37  37  HOH HOH B . 
F 4 HOH 3  40  40  HOH HOH B . 
F 4 HOH 4  43  43  HOH HOH B . 
F 4 HOH 5  44  44  HOH HOH B . 
F 4 HOH 6  51  51  HOH HOH B . 
F 4 HOH 7  53  53  HOH HOH B . 
F 4 HOH 8  56  56  HOH HOH B . 
F 4 HOH 9  59  59  HOH HOH B . 
F 4 HOH 10 66  66  HOH HOH B . 
F 4 HOH 11 68  68  HOH HOH B . 
F 4 HOH 12 71  71  HOH HOH B . 
F 4 HOH 13 72  72  HOH HOH B . 
F 4 HOH 14 73  73  HOH HOH B . 
F 4 HOH 15 74  74  HOH HOH B . 
F 4 HOH 16 76  76  HOH HOH B . 
F 4 HOH 17 81  81  HOH HOH B . 
F 4 HOH 18 83  83  HOH HOH B . 
F 4 HOH 19 84  84  HOH HOH B . 
F 4 HOH 20 85  85  HOH HOH B . 
F 4 HOH 21 86  86  HOH HOH B . 
F 4 HOH 22 87  87  HOH HOH B . 
F 4 HOH 23 89  89  HOH HOH B . 
F 4 HOH 24 99  99  HOH HOH B . 
F 4 HOH 25 101 101 HOH HOH B . 
F 4 HOH 26 105 105 HOH HOH B . 
F 4 HOH 27 106 106 HOH HOH B . 
F 4 HOH 28 108 108 HOH HOH B . 
F 4 HOH 29 111 111 HOH HOH B . 
F 4 HOH 30 112 112 HOH HOH B . 
F 4 HOH 31 118 118 HOH HOH B . 
F 4 HOH 32 119 119 HOH HOH B . 
F 4 HOH 33 123 123 HOH HOH B . 
F 4 HOH 34 124 124 HOH HOH B . 
F 4 HOH 35 125 125 HOH HOH B . 
F 4 HOH 36 126 126 HOH HOH B . 
# 
loop_
_software.name 
_software.classification 
_software.version 
_software.citation_id 
_software.pdbx_ordinal 
SCALEPACK 'data scaling'   . ? 1 
X-PLOR    'model building' . ? 2 
SHELX     refinement       . ? 3 
X-PLOR    phasing          . ? 4 
SHELXL-97 refinement       . ? 5 
# 
_cell.entry_id           1FMQ 
_cell.length_a           24.86 
_cell.length_b           40.71 
_cell.length_c           66.44 
_cell.angle_alpha        90. 
_cell.angle_beta         90. 
_cell.angle_gamma        90. 
_cell.Z_PDB              8 
_cell.pdbx_unique_axis   ? 
# 
_symmetry.entry_id                         1FMQ 
_symmetry.space_group_name_H-M             'P 21 21 21' 
_symmetry.pdbx_full_space_group_name_H-M   ? 
_symmetry.cell_setting                     orthorhombic 
_symmetry.Int_Tables_number                19 
_symmetry.space_group_name_Hall            ? 
# 
_exptl.entry_id          1FMQ 
_exptl.method            'X-RAY DIFFRACTION' 
_exptl.crystals_number   1 
# 
_exptl_crystal.id                    1 
_exptl_crystal.density_meas          ? 
_exptl_crystal.density_percent_sol   44.05 
_exptl_crystal.density_Matthews      2.20 
_exptl_crystal.description           ? 
_exptl_crystal.F_000                 ? 
_exptl_crystal.preparation           ? 
# 
_exptl_crystal_grow.crystal_id      1 
_exptl_crystal_grow.method          'VAPOR DIFFUSION, SITTING DROP' 
_exptl_crystal_grow.pH              7 
_exptl_crystal_grow.temp            291 
_exptl_crystal_grow.temp_details    ? 
_exptl_crystal_grow.pdbx_details    
;MgCl2 2ul 125mM, Spermine 1ul 7.5 mM, Oligonucleotide 2ul 2mM, 
Drug 2ul 2mM, MPD 3ul 27% v/v, VAPOR DIFFUSION, SITTING DROP, temperature 291K
;
_exptl_crystal_grow.pdbx_pH_range   . 
# 
loop_
_exptl_crystal_grow_comp.crystal_id 
_exptl_crystal_grow_comp.id 
_exptl_crystal_grow_comp.sol_id 
_exptl_crystal_grow_comp.name 
_exptl_crystal_grow_comp.conc 
_exptl_crystal_grow_comp.volume 
_exptl_crystal_grow_comp.details 
1 1 1 MgCl2    ? ? ? 
1 2 1 Spermine ? ? ? 
1 3 1 MPD      ? ? ? 
1 4 2 MPD      ? ? ? 
# 
_diffrn.id                     1 
_diffrn.ambient_temp           291 
_diffrn.ambient_temp_details   ? 
_diffrn.crystal_id             1 
# 
_diffrn_detector.diffrn_id              1 
_diffrn_detector.detector               'IMAGE PLATE' 
_diffrn_detector.type                   'RIGAKU RAXIS IIC' 
_diffrn_detector.pdbx_collection_date   ? 
_diffrn_detector.details                ? 
# 
_diffrn_radiation.diffrn_id                        1 
_diffrn_radiation.wavelength_id                    1 
_diffrn_radiation.monochromator                    ? 
_diffrn_radiation.pdbx_monochromatic_or_laue_m_l   M 
_diffrn_radiation.pdbx_diffrn_protocol             'SINGLE WAVELENGTH' 
_diffrn_radiation.pdbx_scattering_type             x-ray 
# 
_diffrn_radiation_wavelength.id           1 
_diffrn_radiation_wavelength.wavelength   1.5418 
_diffrn_radiation_wavelength.wt           1.0 
# 
_diffrn_source.diffrn_id                   1 
_diffrn_source.source                      'ROTATING ANODE' 
_diffrn_source.type                        'RIGAKU RU200' 
_diffrn_source.pdbx_wavelength             1.5418 
_diffrn_source.pdbx_synchrotron_site       ? 
_diffrn_source.pdbx_synchrotron_beamline   ? 
_diffrn_source.pdbx_wavelength_list        ? 
# 
_reflns.entry_id                     1FMQ 
_reflns.observed_criterion_sigma_I   1.0 
_reflns.observed_criterion_sigma_F   2.0 
_reflns.d_resolution_low             10. 
_reflns.d_resolution_high            2.0 
_reflns.number_obs                   4992 
_reflns.number_all                   ? 
_reflns.percent_possible_obs         95.4 
_reflns.pdbx_Rmerge_I_obs            0.045 
_reflns.pdbx_Rsym_value              ? 
_reflns.pdbx_netI_over_sigmaI        ? 
_reflns.B_iso_Wilson_estimate        ? 
_reflns.pdbx_redundancy              5 
_reflns.R_free_details               ? 
_reflns.pdbx_chi_squared             ? 
_reflns.pdbx_scaling_rejects         ? 
_reflns.pdbx_diffrn_id               1 
_reflns.pdbx_ordinal                 1 
# 
_refine.entry_id                                 1FMQ 
_refine.ls_number_reflns_obs                     4992 
_refine.ls_number_reflns_all                     ? 
_refine.pdbx_ls_sigma_I                          ? 
_refine.pdbx_ls_sigma_F                          2. 
_refine.pdbx_data_cutoff_high_absF               ? 
_refine.pdbx_data_cutoff_low_absF                ? 
_refine.ls_d_res_low                             8. 
_refine.ls_d_res_high                            2. 
_refine.ls_percent_reflns_obs                    95.4 
_refine.ls_R_factor_obs                          0.188 
_refine.ls_R_factor_all                          0.193 
_refine.ls_R_factor_R_work                       ? 
_refine.ls_R_factor_R_free                       0.209 
_refine.ls_R_factor_R_free_error                 ? 
_refine.ls_R_factor_R_free_error_details         ? 
_refine.ls_percent_reflns_R_free                 5.0 
_refine.ls_number_reflns_R_free                  250 
_refine.ls_number_parameters                     ? 
_refine.ls_number_restraints                     ? 
_refine.occupancy_min                            ? 
_refine.occupancy_max                            ? 
_refine.B_iso_mean                               ? 
_refine.aniso_B[1][1]                            ? 
_refine.aniso_B[2][2]                            ? 
_refine.aniso_B[3][3]                            ? 
_refine.aniso_B[1][2]                            ? 
_refine.aniso_B[1][3]                            ? 
_refine.aniso_B[2][3]                            ? 
_refine.solvent_model_details                    ? 
_refine.solvent_model_param_ksol                 ? 
_refine.solvent_model_param_bsol                 ? 
_refine.pdbx_ls_cross_valid_method               THROUGHOUT 
_refine.details                                  ? 
_refine.pdbx_starting_model                      ? 
_refine.pdbx_method_to_determine_struct          ? 
_refine.pdbx_isotropic_thermal_model             ? 
_refine.pdbx_stereochemistry_target_values       'Parkinson et al.' 
_refine.pdbx_stereochem_target_val_spec_case     ? 
_refine.pdbx_R_Free_selection_details            random 
_refine.pdbx_overall_ESU_R_Free                  ? 
_refine.overall_SU_B                             ? 
_refine.ls_redundancy_reflns_obs                 ? 
_refine.overall_SU_ML                            ? 
_refine.pdbx_overall_ESU_R                       ? 
_refine.pdbx_data_cutoff_high_rms_absF           ? 
_refine.correlation_coeff_Fo_to_Fc               ? 
_refine.correlation_coeff_Fo_to_Fc_free          ? 
_refine.overall_SU_R_Cruickshank_DPI             ? 
_refine.overall_SU_R_free                        ? 
_refine.pdbx_solvent_vdw_probe_radii             ? 
_refine.pdbx_solvent_ion_probe_radii             ? 
_refine.pdbx_solvent_shrinkage_radii             ? 
_refine.ls_wR_factor_R_free                      ? 
_refine.ls_wR_factor_R_work                      ? 
_refine.overall_FOM_free_R_set                   ? 
_refine.overall_FOM_work_R_set                   ? 
_refine.pdbx_refine_id                           'X-RAY DIFFRACTION' 
_refine.pdbx_diffrn_id                           1 
_refine.pdbx_TLS_residual_ADP_flag               ? 
_refine.pdbx_overall_phase_error                 ? 
_refine.pdbx_overall_SU_R_free_Cruickshank_DPI   ? 
_refine.pdbx_overall_SU_R_Blow_DPI               ? 
_refine.pdbx_overall_SU_R_free_Blow_DPI          ? 
# 
_refine_hist.pdbx_refine_id                   'X-RAY DIFFRACTION' 
_refine_hist.cycle_id                         LAST 
_refine_hist.pdbx_number_atoms_protein        0 
_refine_hist.pdbx_number_atoms_nucleic_acid   486 
_refine_hist.pdbx_number_atoms_ligand         38 
_refine_hist.number_atoms_solvent             91 
_refine_hist.number_atoms_total               615 
_refine_hist.d_res_high                       2. 
_refine_hist.d_res_low                        8. 
# 
_struct.entry_id                  1FMQ 
_struct.title                     'Cyclo-butyl-bis-furamidine complexed with dCGCGAATTCGCG' 
_struct.pdbx_model_details        ? 
_struct.pdbx_CASP_flag            ? 
_struct.pdbx_model_type_details   ? 
# 
_struct_keywords.entry_id        1FMQ 
_struct_keywords.pdbx_keywords   DNA 
_struct_keywords.text            'DNA-drug minor groove complex, DNA' 
# 
loop_
_struct_asym.id 
_struct_asym.pdbx_blank_PDB_chainid_flag 
_struct_asym.pdbx_modified 
_struct_asym.entity_id 
_struct_asym.details 
A N N 1 ? 
B N N 1 ? 
C N N 2 ? 
D N N 3 ? 
E N N 4 ? 
F N N 4 ? 
# 
_struct_ref.id                         1 
_struct_ref.entity_id                  1 
_struct_ref.db_name                    PDB 
_struct_ref.db_code                    1FMQ 
_struct_ref.pdbx_db_accession          1FMQ 
_struct_ref.pdbx_db_isoform            ? 
_struct_ref.pdbx_seq_one_letter_code   ? 
_struct_ref.pdbx_align_begin           ? 
# 
loop_
_struct_ref_seq.align_id 
_struct_ref_seq.ref_id 
_struct_ref_seq.pdbx_PDB_id_code 
_struct_ref_seq.pdbx_strand_id 
_struct_ref_seq.seq_align_beg 
_struct_ref_seq.pdbx_seq_align_beg_ins_code 
_struct_ref_seq.seq_align_end 
_struct_ref_seq.pdbx_seq_align_end_ins_code 
_struct_ref_seq.pdbx_db_accession 
_struct_ref_seq.db_align_beg 
_struct_ref_seq.pdbx_db_align_beg_ins_code 
_struct_ref_seq.db_align_end 
_struct_ref_seq.pdbx_db_align_end_ins_code 
_struct_ref_seq.pdbx_auth_seq_align_beg 
_struct_ref_seq.pdbx_auth_seq_align_end 
1 1 1FMQ A 1 ? 12 ? 1FMQ 1  ? 12 ? 1  12 
2 1 1FMQ B 1 ? 12 ? 1FMQ 13 ? 24 ? 13 24 
# 
_pdbx_struct_assembly.id                   1 
_pdbx_struct_assembly.details              author_defined_assembly 
_pdbx_struct_assembly.method_details       ? 
_pdbx_struct_assembly.oligomeric_details   dimeric 
_pdbx_struct_assembly.oligomeric_count     2 
# 
_pdbx_struct_assembly_gen.assembly_id       1 
_pdbx_struct_assembly_gen.oper_expression   1 
_pdbx_struct_assembly_gen.asym_id_list      A,B,C,D,E,F 
# 
_pdbx_struct_oper_list.id                   1 
_pdbx_struct_oper_list.type                 'identity operation' 
_pdbx_struct_oper_list.name                 1_555 
_pdbx_struct_oper_list.symmetry_operation   x,y,z 
_pdbx_struct_oper_list.matrix[1][1]         1.0000000000 
_pdbx_struct_oper_list.matrix[1][2]         0.0000000000 
_pdbx_struct_oper_list.matrix[1][3]         0.0000000000 
_pdbx_struct_oper_list.vector[1]            0.0000000000 
_pdbx_struct_oper_list.matrix[2][1]         0.0000000000 
_pdbx_struct_oper_list.matrix[2][2]         1.0000000000 
_pdbx_struct_oper_list.matrix[2][3]         0.0000000000 
_pdbx_struct_oper_list.vector[2]            0.0000000000 
_pdbx_struct_oper_list.matrix[3][1]         0.0000000000 
_pdbx_struct_oper_list.matrix[3][2]         0.0000000000 
_pdbx_struct_oper_list.matrix[3][3]         1.0000000000 
_pdbx_struct_oper_list.vector[3]            0.0000000000 
# 
_struct_biol.id                    1 
_struct_biol.pdbx_parent_biol_id   ? 
_struct_biol.details               ? 
# 
loop_
_struct_conn.id 
_struct_conn.conn_type_id 
_struct_conn.pdbx_leaving_atom_flag 
_struct_conn.pdbx_PDB_id 
_struct_conn.ptnr1_label_asym_id 
_struct_conn.ptnr1_label_comp_id 
_struct_conn.ptnr1_label_seq_id 
_struct_conn.ptnr1_label_atom_id 
_struct_conn.pdbx_ptnr1_label_alt_id 
_struct_conn.pdbx_ptnr1_PDB_ins_code 
_struct_conn.pdbx_ptnr1_standard_comp_id 
_struct_conn.ptnr1_symmetry 
_struct_conn.ptnr2_label_asym_id 
_struct_conn.ptnr2_label_comp_id 
_struct_conn.ptnr2_label_seq_id 
_struct_conn.ptnr2_label_atom_id 
_struct_conn.pdbx_ptnr2_label_alt_id 
_struct_conn.pdbx_ptnr2_PDB_ins_code 
_struct_conn.ptnr1_auth_asym_id 
_struct_conn.ptnr1_auth_comp_id 
_struct_conn.ptnr1_auth_seq_id 
_struct_conn.ptnr2_auth_asym_id 
_struct_conn.ptnr2_auth_comp_id 
_struct_conn.ptnr2_auth_seq_id 
_struct_conn.ptnr2_symmetry 
_struct_conn.pdbx_ptnr3_label_atom_id 
_struct_conn.pdbx_ptnr3_label_seq_id 
_struct_conn.pdbx_ptnr3_label_comp_id 
_struct_conn.pdbx_ptnr3_label_asym_id 
_struct_conn.pdbx_ptnr3_label_alt_id 
_struct_conn.pdbx_ptnr3_PDB_ins_code 
_struct_conn.details 
_struct_conn.pdbx_dist_value 
_struct_conn.pdbx_value_order 
_struct_conn.pdbx_role 
metalc1  metalc ? ? C MG .  MG ? ? ? 1_555 E HOH .  O  ? ? A MG 26 A HOH 38  1_555 ? ? ? ? ? ? ?            1.903 ? ? 
metalc2  metalc ? ? C MG .  MG ? ? ? 1_555 E HOH .  O  ? ? A MG 26 A HOH 128 1_555 ? ? ? ? ? ? ?            2.029 ? ? 
metalc3  metalc ? ? C MG .  MG ? ? ? 1_555 E HOH .  O  ? ? A MG 26 A HOH 129 1_555 ? ? ? ? ? ? ?            2.033 ? ? 
metalc4  metalc ? ? C MG .  MG ? ? ? 1_555 E HOH .  O  ? ? A MG 26 A HOH 130 1_555 ? ? ? ? ? ? ?            2.041 ? ? 
metalc5  metalc ? ? C MG .  MG ? ? ? 1_555 E HOH .  O  ? ? A MG 26 A HOH 131 1_555 ? ? ? ? ? ? ?            2.032 ? ? 
metalc6  metalc ? ? C MG .  MG ? ? ? 1_555 E HOH .  O  ? ? A MG 26 A HOH 132 1_555 ? ? ? ? ? ? ?            2.043 ? ? 
metalc7  metalc ? ? C MG .  MG ? ? ? 1_555 E HOH .  O  ? ? A MG 26 A HOH 133 1_555 ? ? ? ? ? ? ?            2.029 ? ? 
hydrog1  hydrog ? ? A DC 1  N3 ? ? ? 1_555 B DG  12 N1 ? ? A DC 1  B DG  24  1_555 ? ? ? ? ? ? WATSON-CRICK ?     ? ? 
hydrog2  hydrog ? ? A DC 1  N4 ? ? ? 1_555 B DG  12 O6 ? ? A DC 1  B DG  24  1_555 ? ? ? ? ? ? WATSON-CRICK ?     ? ? 
hydrog3  hydrog ? ? A DC 1  O2 ? ? ? 1_555 B DG  12 N2 ? ? A DC 1  B DG  24  1_555 ? ? ? ? ? ? WATSON-CRICK ?     ? ? 
hydrog4  hydrog ? ? A DG 2  N1 ? ? ? 1_555 B DC  11 N3 ? ? A DG 2  B DC  23  1_555 ? ? ? ? ? ? WATSON-CRICK ?     ? ? 
hydrog5  hydrog ? ? A DG 2  N2 ? ? ? 1_555 B DC  11 O2 ? ? A DG 2  B DC  23  1_555 ? ? ? ? ? ? WATSON-CRICK ?     ? ? 
hydrog6  hydrog ? ? A DG 2  O6 ? ? ? 1_555 B DC  11 N4 ? ? A DG 2  B DC  23  1_555 ? ? ? ? ? ? WATSON-CRICK ?     ? ? 
hydrog7  hydrog ? ? A DC 3  N3 ? ? ? 1_555 B DG  10 N1 ? ? A DC 3  B DG  22  1_555 ? ? ? ? ? ? WATSON-CRICK ?     ? ? 
hydrog8  hydrog ? ? A DC 3  N4 ? ? ? 1_555 B DG  10 O6 ? ? A DC 3  B DG  22  1_555 ? ? ? ? ? ? WATSON-CRICK ?     ? ? 
hydrog9  hydrog ? ? A DC 3  O2 ? ? ? 1_555 B DG  10 N2 ? ? A DC 3  B DG  22  1_555 ? ? ? ? ? ? WATSON-CRICK ?     ? ? 
hydrog10 hydrog ? ? A DG 4  N1 ? ? ? 1_555 B DC  9  N3 ? ? A DG 4  B DC  21  1_555 ? ? ? ? ? ? WATSON-CRICK ?     ? ? 
hydrog11 hydrog ? ? A DG 4  N2 ? ? ? 1_555 B DC  9  O2 ? ? A DG 4  B DC  21  1_555 ? ? ? ? ? ? WATSON-CRICK ?     ? ? 
hydrog12 hydrog ? ? A DG 4  O6 ? ? ? 1_555 B DC  9  N4 ? ? A DG 4  B DC  21  1_555 ? ? ? ? ? ? WATSON-CRICK ?     ? ? 
hydrog13 hydrog ? ? A DA 5  N1 ? ? ? 1_555 B DT  8  N3 ? ? A DA 5  B DT  20  1_555 ? ? ? ? ? ? WATSON-CRICK ?     ? ? 
hydrog14 hydrog ? ? A DA 5  N6 ? ? ? 1_555 B DT  8  O4 ? ? A DA 5  B DT  20  1_555 ? ? ? ? ? ? WATSON-CRICK ?     ? ? 
hydrog15 hydrog ? ? A DA 6  N1 ? ? ? 1_555 B DT  7  N3 ? ? A DA 6  B DT  19  1_555 ? ? ? ? ? ? WATSON-CRICK ?     ? ? 
hydrog16 hydrog ? ? A DA 6  N6 ? ? ? 1_555 B DT  7  O4 ? ? A DA 6  B DT  19  1_555 ? ? ? ? ? ? WATSON-CRICK ?     ? ? 
hydrog17 hydrog ? ? A DT 7  N3 ? ? ? 1_555 B DA  6  N1 ? ? A DT 7  B DA  18  1_555 ? ? ? ? ? ? WATSON-CRICK ?     ? ? 
hydrog18 hydrog ? ? A DT 7  O4 ? ? ? 1_555 B DA  6  N6 ? ? A DT 7  B DA  18  1_555 ? ? ? ? ? ? WATSON-CRICK ?     ? ? 
hydrog19 hydrog ? ? A DT 8  N3 ? ? ? 1_555 B DA  5  N1 ? ? A DT 8  B DA  17  1_555 ? ? ? ? ? ? WATSON-CRICK ?     ? ? 
hydrog20 hydrog ? ? A DT 8  O4 ? ? ? 1_555 B DA  5  N6 ? ? A DT 8  B DA  17  1_555 ? ? ? ? ? ? WATSON-CRICK ?     ? ? 
hydrog21 hydrog ? ? A DC 9  N3 ? ? ? 1_555 B DG  4  N1 ? ? A DC 9  B DG  16  1_555 ? ? ? ? ? ? WATSON-CRICK ?     ? ? 
hydrog22 hydrog ? ? A DC 9  N4 ? ? ? 1_555 B DG  4  O6 ? ? A DC 9  B DG  16  1_555 ? ? ? ? ? ? WATSON-CRICK ?     ? ? 
hydrog23 hydrog ? ? A DC 9  O2 ? ? ? 1_555 B DG  4  N2 ? ? A DC 9  B DG  16  1_555 ? ? ? ? ? ? WATSON-CRICK ?     ? ? 
hydrog24 hydrog ? ? A DG 10 N1 ? ? ? 1_555 B DC  3  N3 ? ? A DG 10 B DC  15  1_555 ? ? ? ? ? ? WATSON-CRICK ?     ? ? 
hydrog25 hydrog ? ? A DG 10 N2 ? ? ? 1_555 B DC  3  O2 ? ? A DG 10 B DC  15  1_555 ? ? ? ? ? ? WATSON-CRICK ?     ? ? 
hydrog26 hydrog ? ? A DG 10 O6 ? ? ? 1_555 B DC  3  N4 ? ? A DG 10 B DC  15  1_555 ? ? ? ? ? ? WATSON-CRICK ?     ? ? 
hydrog27 hydrog ? ? A DC 11 N3 ? ? ? 1_555 B DG  2  N1 ? ? A DC 11 B DG  14  1_555 ? ? ? ? ? ? WATSON-CRICK ?     ? ? 
hydrog28 hydrog ? ? A DC 11 N4 ? ? ? 1_555 B DG  2  O6 ? ? A DC 11 B DG  14  1_555 ? ? ? ? ? ? WATSON-CRICK ?     ? ? 
hydrog29 hydrog ? ? A DC 11 O2 ? ? ? 1_555 B DG  2  N2 ? ? A DC 11 B DG  14  1_555 ? ? ? ? ? ? WATSON-CRICK ?     ? ? 
hydrog30 hydrog ? ? A DG 12 N1 ? ? ? 1_555 B DC  1  N3 ? ? A DG 12 B DC  13  1_555 ? ? ? ? ? ? WATSON-CRICK ?     ? ? 
hydrog31 hydrog ? ? A DG 12 N2 ? ? ? 1_555 B DC  1  O2 ? ? A DG 12 B DC  13  1_555 ? ? ? ? ? ? WATSON-CRICK ?     ? ? 
hydrog32 hydrog ? ? A DG 12 O6 ? ? ? 1_555 B DC  1  N4 ? ? A DG 12 B DC  13  1_555 ? ? ? ? ? ? WATSON-CRICK ?     ? ? 
# 
loop_
_struct_conn_type.id 
_struct_conn_type.criteria 
_struct_conn_type.reference 
metalc ? ? 
hydrog ? ? 
# 
loop_
_pdbx_struct_conn_angle.id 
_pdbx_struct_conn_angle.ptnr1_label_atom_id 
_pdbx_struct_conn_angle.ptnr1_label_alt_id 
_pdbx_struct_conn_angle.ptnr1_label_asym_id 
_pdbx_struct_conn_angle.ptnr1_label_comp_id 
_pdbx_struct_conn_angle.ptnr1_label_seq_id 
_pdbx_struct_conn_angle.ptnr1_auth_atom_id 
_pdbx_struct_conn_angle.ptnr1_auth_asym_id 
_pdbx_struct_conn_angle.ptnr1_auth_comp_id 
_pdbx_struct_conn_angle.ptnr1_auth_seq_id 
_pdbx_struct_conn_angle.ptnr1_PDB_ins_code 
_pdbx_struct_conn_angle.ptnr1_symmetry 
_pdbx_struct_conn_angle.ptnr2_label_atom_id 
_pdbx_struct_conn_angle.ptnr2_label_alt_id 
_pdbx_struct_conn_angle.ptnr2_label_asym_id 
_pdbx_struct_conn_angle.ptnr2_label_comp_id 
_pdbx_struct_conn_angle.ptnr2_label_seq_id 
_pdbx_struct_conn_angle.ptnr2_auth_atom_id 
_pdbx_struct_conn_angle.ptnr2_auth_asym_id 
_pdbx_struct_conn_angle.ptnr2_auth_comp_id 
_pdbx_struct_conn_angle.ptnr2_auth_seq_id 
_pdbx_struct_conn_angle.ptnr2_PDB_ins_code 
_pdbx_struct_conn_angle.ptnr2_symmetry 
_pdbx_struct_conn_angle.ptnr3_label_atom_id 
_pdbx_struct_conn_angle.ptnr3_label_alt_id 
_pdbx_struct_conn_angle.ptnr3_label_asym_id 
_pdbx_struct_conn_angle.ptnr3_label_comp_id 
_pdbx_struct_conn_angle.ptnr3_label_seq_id 
_pdbx_struct_conn_angle.ptnr3_auth_atom_id 
_pdbx_struct_conn_angle.ptnr3_auth_asym_id 
_pdbx_struct_conn_angle.ptnr3_auth_comp_id 
_pdbx_struct_conn_angle.ptnr3_auth_seq_id 
_pdbx_struct_conn_angle.ptnr3_PDB_ins_code 
_pdbx_struct_conn_angle.ptnr3_symmetry 
_pdbx_struct_conn_angle.value 
_pdbx_struct_conn_angle.value_esd 
1  O ? E HOH . ? A HOH 38  ? 1_555 MG ? C MG . ? A MG 26 ? 1_555 O ? E HOH . ? A HOH 128 ? 1_555 88.5  ? 
2  O ? E HOH . ? A HOH 38  ? 1_555 MG ? C MG . ? A MG 26 ? 1_555 O ? E HOH . ? A HOH 129 ? 1_555 168.1 ? 
3  O ? E HOH . ? A HOH 128 ? 1_555 MG ? C MG . ? A MG 26 ? 1_555 O ? E HOH . ? A HOH 129 ? 1_555 93.6  ? 
4  O ? E HOH . ? A HOH 38  ? 1_555 MG ? C MG . ? A MG 26 ? 1_555 O ? E HOH . ? A HOH 130 ? 1_555 79.1  ? 
5  O ? E HOH . ? A HOH 128 ? 1_555 MG ? C MG . ? A MG 26 ? 1_555 O ? E HOH . ? A HOH 130 ? 1_555 91.0  ? 
6  O ? E HOH . ? A HOH 129 ? 1_555 MG ? C MG . ? A MG 26 ? 1_555 O ? E HOH . ? A HOH 130 ? 1_555 89.1  ? 
7  O ? E HOH . ? A HOH 38  ? 1_555 MG ? C MG . ? A MG 26 ? 1_555 O ? E HOH . ? A HOH 131 ? 1_555 13.1  ? 
8  O ? E HOH . ? A HOH 128 ? 1_555 MG ? C MG . ? A MG 26 ? 1_555 O ? E HOH . ? A HOH 131 ? 1_555 88.2  ? 
9  O ? E HOH . ? A HOH 129 ? 1_555 MG ? C MG . ? A MG 26 ? 1_555 O ? E HOH . ? A HOH 131 ? 1_555 177.7 ? 
10 O ? E HOH . ? A HOH 130 ? 1_555 MG ? C MG . ? A MG 26 ? 1_555 O ? E HOH . ? A HOH 131 ? 1_555 92.2  ? 
11 O ? E HOH . ? A HOH 38  ? 1_555 MG ? C MG . ? A MG 26 ? 1_555 O ? E HOH . ? A HOH 132 ? 1_555 92.0  ? 
12 O ? E HOH . ? A HOH 128 ? 1_555 MG ? C MG . ? A MG 26 ? 1_555 O ? E HOH . ? A HOH 132 ? 1_555 175.1 ? 
13 O ? E HOH . ? A HOH 129 ? 1_555 MG ? C MG . ? A MG 26 ? 1_555 O ? E HOH . ? A HOH 132 ? 1_555 86.8  ? 
14 O ? E HOH . ? A HOH 130 ? 1_555 MG ? C MG . ? A MG 26 ? 1_555 O ? E HOH . ? A HOH 132 ? 1_555 94.0  ? 
15 O ? E HOH . ? A HOH 131 ? 1_555 MG ? C MG . ? A MG 26 ? 1_555 O ? E HOH . ? A HOH 132 ? 1_555 91.3  ? 
16 O ? E HOH . ? A HOH 38  ? 1_555 MG ? C MG . ? A MG 26 ? 1_555 O ? E HOH . ? A HOH 133 ? 1_555 101.9 ? 
17 O ? E HOH . ? A HOH 128 ? 1_555 MG ? C MG . ? A MG 26 ? 1_555 O ? E HOH . ? A HOH 133 ? 1_555 87.5  ? 
18 O ? E HOH . ? A HOH 129 ? 1_555 MG ? C MG . ? A MG 26 ? 1_555 O ? E HOH . ? A HOH 133 ? 1_555 89.9  ? 
19 O ? E HOH . ? A HOH 130 ? 1_555 MG ? C MG . ? A MG 26 ? 1_555 O ? E HOH . ? A HOH 133 ? 1_555 178.1 ? 
20 O ? E HOH . ? A HOH 131 ? 1_555 MG ? C MG . ? A MG 26 ? 1_555 O ? E HOH . ? A HOH 133 ? 1_555 88.8  ? 
21 O ? E HOH . ? A HOH 132 ? 1_555 MG ? C MG . ? A MG 26 ? 1_555 O ? E HOH . ? A HOH 133 ? 1_555 87.5  ? 
# 
loop_
_struct_site.id 
_struct_site.pdbx_evidence_code 
_struct_site.pdbx_auth_asym_id 
_struct_site.pdbx_auth_comp_id 
_struct_site.pdbx_auth_seq_id 
_struct_site.pdbx_auth_ins_code 
_struct_site.pdbx_num_residues 
_struct_site.details 
AC1 Software A MG  26 ? 7  'BINDING SITE FOR RESIDUE MG A 26'  
AC2 Software A D34 25 ? 12 'BINDING SITE FOR RESIDUE D34 A 25' 
1   ?        ? ?   ?  ? ?  ?                                   
# 
loop_
_struct_site_gen.id 
_struct_site_gen.site_id 
_struct_site_gen.pdbx_num_res 
_struct_site_gen.label_comp_id 
_struct_site_gen.label_asym_id 
_struct_site_gen.label_seq_id 
_struct_site_gen.pdbx_auth_ins_code 
_struct_site_gen.auth_comp_id 
_struct_site_gen.auth_asym_id 
_struct_site_gen.auth_seq_id 
_struct_site_gen.label_atom_id 
_struct_site_gen.label_alt_id 
_struct_site_gen.symmetry 
_struct_site_gen.details 
1  AC1 7  HOH E . ? HOH A 38  . ? 1_555 ? 
2  AC1 7  HOH E . ? HOH A 128 . ? 1_555 ? 
3  AC1 7  HOH E . ? HOH A 129 . ? 1_555 ? 
4  AC1 7  HOH E . ? HOH A 130 . ? 1_555 ? 
5  AC1 7  HOH E . ? HOH A 131 . ? 1_555 ? 
6  AC1 7  HOH E . ? HOH A 132 . ? 1_555 ? 
7  AC1 7  HOH E . ? HOH A 133 . ? 1_555 ? 
8  AC2 12 DA  A 6 ? DA  A 6   . ? 1_555 ? 
9  AC2 12 DT  A 7 ? DT  A 7   . ? 1_555 ? 
10 AC2 12 DT  A 8 ? DT  A 8   . ? 1_555 ? 
11 AC2 12 DC  A 9 ? DC  A 9   . ? 1_555 ? 
12 AC2 12 HOH E . ? HOH A 45  . ? 1_555 ? 
13 AC2 12 HOH E . ? HOH A 54  . ? 1_555 ? 
14 AC2 12 HOH E . ? HOH A 116 . ? 1_555 ? 
15 AC2 12 DA  B 5 ? DA  B 17  . ? 1_555 ? 
16 AC2 12 DA  B 6 ? DA  B 18  . ? 1_555 ? 
17 AC2 12 DT  B 7 ? DT  B 19  . ? 1_555 ? 
18 AC2 12 DT  B 8 ? DT  B 20  . ? 1_555 ? 
19 AC2 12 DC  B 9 ? DC  B 21  . ? 1_555 ? 
# 
_pdbx_validate_close_contact.id               1 
_pdbx_validate_close_contact.PDB_model_num    1 
_pdbx_validate_close_contact.auth_atom_id_1   O 
_pdbx_validate_close_contact.auth_asym_id_1   A 
_pdbx_validate_close_contact.auth_comp_id_1   HOH 
_pdbx_validate_close_contact.auth_seq_id_1    38 
_pdbx_validate_close_contact.PDB_ins_code_1   ? 
_pdbx_validate_close_contact.label_alt_id_1   ? 
_pdbx_validate_close_contact.auth_atom_id_2   O 
_pdbx_validate_close_contact.auth_asym_id_2   A 
_pdbx_validate_close_contact.auth_comp_id_2   HOH 
_pdbx_validate_close_contact.auth_seq_id_2    131 
_pdbx_validate_close_contact.PDB_ins_code_2   ? 
_pdbx_validate_close_contact.label_alt_id_2   ? 
_pdbx_validate_close_contact.dist             0.47 
# 
loop_
_pdbx_validate_symm_contact.id 
_pdbx_validate_symm_contact.PDB_model_num 
_pdbx_validate_symm_contact.auth_atom_id_1 
_pdbx_validate_symm_contact.auth_asym_id_1 
_pdbx_validate_symm_contact.auth_comp_id_1 
_pdbx_validate_symm_contact.auth_seq_id_1 
_pdbx_validate_symm_contact.PDB_ins_code_1 
_pdbx_validate_symm_contact.label_alt_id_1 
_pdbx_validate_symm_contact.site_symmetry_1 
_pdbx_validate_symm_contact.auth_atom_id_2 
_pdbx_validate_symm_contact.auth_asym_id_2 
_pdbx_validate_symm_contact.auth_comp_id_2 
_pdbx_validate_symm_contact.auth_seq_id_2 
_pdbx_validate_symm_contact.PDB_ins_code_2 
_pdbx_validate_symm_contact.label_alt_id_2 
_pdbx_validate_symm_contact.site_symmetry_2 
_pdbx_validate_symm_contact.dist 
1 1 O A HOH 48 ? ? 1_555 O B HOH 124 ? ? 1_455 0.36 
2 1 O A HOH 58 ? ? 1_555 O B HOH 101 ? ? 4_455 1.93 
# 
loop_
_pdbx_validate_chiral.id 
_pdbx_validate_chiral.PDB_model_num 
_pdbx_validate_chiral.auth_atom_id 
_pdbx_validate_chiral.label_alt_id 
_pdbx_validate_chiral.auth_asym_id 
_pdbx_validate_chiral.auth_comp_id 
_pdbx_validate_chiral.auth_seq_id 
_pdbx_validate_chiral.PDB_ins_code 
_pdbx_validate_chiral.details 
_pdbx_validate_chiral.omega 
1 1 C7    ? A D34 25 ? PLANAR . 
2 1 "C7'" ? A D34 25 ? PLANAR . 
# 
_struct_site_keywords.site_id   1 
_struct_site_keywords.text      'MINOR GROOVE BINDER' 
# 
loop_
_chem_comp_atom.comp_id 
_chem_comp_atom.atom_id 
_chem_comp_atom.type_symbol 
_chem_comp_atom.pdbx_aromatic_flag 
_chem_comp_atom.pdbx_stereo_config 
_chem_comp_atom.pdbx_ordinal 
D34 C7     C  N S 1   
D34 N2     N  N N 2   
D34 N1     N  N N 3   
D34 C8     C  N N 4   
D34 C9     C  N N 5   
D34 C10    C  N N 6   
D34 C11    C  N N 7   
D34 C1     C  Y N 8   
D34 C2     C  Y N 9   
D34 C3     C  Y N 10  
D34 C4     C  Y N 11  
D34 C5     C  Y N 12  
D34 C6     C  Y N 13  
D34 CA     C  Y N 14  
D34 O1     O  Y N 15  
D34 CB     C  Y N 16  
D34 "CB'"  C  Y N 17  
D34 "CA'"  C  Y N 18  
D34 "C1'"  C  Y N 19  
D34 "C2'"  C  Y N 20  
D34 "C3'"  C  Y N 21  
D34 "C4'"  C  Y N 22  
D34 "C5'"  C  Y N 23  
D34 "C6'"  C  Y N 24  
D34 "C7'"  C  N R 25  
D34 "N2'"  N  N N 26  
D34 "N1'"  N  N N 27  
D34 "C8'"  C  N N 28  
D34 "C9'"  C  N N 29  
D34 CAX    C  N N 30  
D34 CBX    C  N N 31  
D34 H77    H  N N 32  
D34 HN2    H  N N 33  
D34 HN1    H  N N 34  
D34 HN2A   H  N N 35  
D34 H8     H  N N 36  
D34 H91    H  N N 37  
D34 H92    H  N N 38  
D34 H01    H  N N 39  
D34 H02    H  N N 40  
D34 H11    H  N N 41  
D34 H12    H  N N 42  
D34 H2     H  N N 43  
D34 H3     H  N N 44  
D34 H5     H  N N 45  
D34 H6     H  N N 46  
D34 HB     H  N N 47  
D34 "HB'"  H  N N 48  
D34 "H2'"  H  N N 49  
D34 "H3'"  H  N N 50  
D34 "H5'"  H  N N 51  
D34 "H6'"  H  N N 52  
D34 H7B    H  N N 53  
D34 "HN2'" H  N N 54  
D34 "HN'1" H  N N 55  
D34 "HN'2" H  N N 56  
D34 "H8'"  H  N N 57  
D34 "H9'1" H  N N 58  
D34 "H9'2" H  N N 59  
D34 "H0'1" H  N N 60  
D34 "H0'2" H  N N 61  
D34 "H1'1" H  N N 62  
D34 "H1'2" H  N N 63  
DA  OP3    O  N N 64  
DA  P      P  N N 65  
DA  OP1    O  N N 66  
DA  OP2    O  N N 67  
DA  "O5'"  O  N N 68  
DA  "C5'"  C  N N 69  
DA  "C4'"  C  N R 70  
DA  "O4'"  O  N N 71  
DA  "C3'"  C  N S 72  
DA  "O3'"  O  N N 73  
DA  "C2'"  C  N N 74  
DA  "C1'"  C  N R 75  
DA  N9     N  Y N 76  
DA  C8     C  Y N 77  
DA  N7     N  Y N 78  
DA  C5     C  Y N 79  
DA  C6     C  Y N 80  
DA  N6     N  N N 81  
DA  N1     N  Y N 82  
DA  C2     C  Y N 83  
DA  N3     N  Y N 84  
DA  C4     C  Y N 85  
DA  HOP3   H  N N 86  
DA  HOP2   H  N N 87  
DA  "H5'"  H  N N 88  
DA  "H5''" H  N N 89  
DA  "H4'"  H  N N 90  
DA  "H3'"  H  N N 91  
DA  "HO3'" H  N N 92  
DA  "H2'"  H  N N 93  
DA  "H2''" H  N N 94  
DA  "H1'"  H  N N 95  
DA  H8     H  N N 96  
DA  H61    H  N N 97  
DA  H62    H  N N 98  
DA  H2     H  N N 99  
DC  OP3    O  N N 100 
DC  P      P  N N 101 
DC  OP1    O  N N 102 
DC  OP2    O  N N 103 
DC  "O5'"  O  N N 104 
DC  "C5'"  C  N N 105 
DC  "C4'"  C  N R 106 
DC  "O4'"  O  N N 107 
DC  "C3'"  C  N S 108 
DC  "O3'"  O  N N 109 
DC  "C2'"  C  N N 110 
DC  "C1'"  C  N R 111 
DC  N1     N  N N 112 
DC  C2     C  N N 113 
DC  O2     O  N N 114 
DC  N3     N  N N 115 
DC  C4     C  N N 116 
DC  N4     N  N N 117 
DC  C5     C  N N 118 
DC  C6     C  N N 119 
DC  HOP3   H  N N 120 
DC  HOP2   H  N N 121 
DC  "H5'"  H  N N 122 
DC  "H5''" H  N N 123 
DC  "H4'"  H  N N 124 
DC  "H3'"  H  N N 125 
DC  "HO3'" H  N N 126 
DC  "H2'"  H  N N 127 
DC  "H2''" H  N N 128 
DC  "H1'"  H  N N 129 
DC  H41    H  N N 130 
DC  H42    H  N N 131 
DC  H5     H  N N 132 
DC  H6     H  N N 133 
DG  OP3    O  N N 134 
DG  P      P  N N 135 
DG  OP1    O  N N 136 
DG  OP2    O  N N 137 
DG  "O5'"  O  N N 138 
DG  "C5'"  C  N N 139 
DG  "C4'"  C  N R 140 
DG  "O4'"  O  N N 141 
DG  "C3'"  C  N S 142 
DG  "O3'"  O  N N 143 
DG  "C2'"  C  N N 144 
DG  "C1'"  C  N R 145 
DG  N9     N  Y N 146 
DG  C8     C  Y N 147 
DG  N7     N  Y N 148 
DG  C5     C  Y N 149 
DG  C6     C  N N 150 
DG  O6     O  N N 151 
DG  N1     N  N N 152 
DG  C2     C  N N 153 
DG  N2     N  N N 154 
DG  N3     N  N N 155 
DG  C4     C  Y N 156 
DG  HOP3   H  N N 157 
DG  HOP2   H  N N 158 
DG  "H5'"  H  N N 159 
DG  "H5''" H  N N 160 
DG  "H4'"  H  N N 161 
DG  "H3'"  H  N N 162 
DG  "HO3'" H  N N 163 
DG  "H2'"  H  N N 164 
DG  "H2''" H  N N 165 
DG  "H1'"  H  N N 166 
DG  H8     H  N N 167 
DG  H1     H  N N 168 
DG  H21    H  N N 169 
DG  H22    H  N N 170 
DT  OP3    O  N N 171 
DT  P      P  N N 172 
DT  OP1    O  N N 173 
DT  OP2    O  N N 174 
DT  "O5'"  O  N N 175 
DT  "C5'"  C  N N 176 
DT  "C4'"  C  N R 177 
DT  "O4'"  O  N N 178 
DT  "C3'"  C  N S 179 
DT  "O3'"  O  N N 180 
DT  "C2'"  C  N N 181 
DT  "C1'"  C  N R 182 
DT  N1     N  N N 183 
DT  C2     C  N N 184 
DT  O2     O  N N 185 
DT  N3     N  N N 186 
DT  C4     C  N N 187 
DT  O4     O  N N 188 
DT  C5     C  N N 189 
DT  C7     C  N N 190 
DT  C6     C  N N 191 
DT  HOP3   H  N N 192 
DT  HOP2   H  N N 193 
DT  "H5'"  H  N N 194 
DT  "H5''" H  N N 195 
DT  "H4'"  H  N N 196 
DT  "H3'"  H  N N 197 
DT  "HO3'" H  N N 198 
DT  "H2'"  H  N N 199 
DT  "H2''" H  N N 200 
DT  "H1'"  H  N N 201 
DT  H3     H  N N 202 
DT  H71    H  N N 203 
DT  H72    H  N N 204 
DT  H73    H  N N 205 
DT  H6     H  N N 206 
HOH O      O  N N 207 
HOH H1     H  N N 208 
HOH H2     H  N N 209 
MG  MG     MG N N 210 
# 
loop_
_chem_comp_bond.comp_id 
_chem_comp_bond.atom_id_1 
_chem_comp_bond.atom_id_2 
_chem_comp_bond.value_order 
_chem_comp_bond.pdbx_aromatic_flag 
_chem_comp_bond.pdbx_stereo_config 
_chem_comp_bond.pdbx_ordinal 
D34 C7    N2     sing N N 1   
D34 C7    N1     sing N N 2   
D34 C7    C4     sing N N 3   
D34 C7    H77    sing N N 4   
D34 N2    C8     sing N N 5   
D34 N2    HN2    sing N N 6   
D34 N1    HN1    sing N N 7   
D34 N1    HN2A   sing N N 8   
D34 C8    C9     sing N N 9   
D34 C8    C11    sing N N 10  
D34 C8    H8     sing N N 11  
D34 C9    C10    sing N N 12  
D34 C9    H91    sing N N 13  
D34 C9    H92    sing N N 14  
D34 C10   C11    sing N N 15  
D34 C10   H01    sing N N 16  
D34 C10   H02    sing N N 17  
D34 C11   H11    sing N N 18  
D34 C11   H12    sing N N 19  
D34 C1    C2     doub Y N 20  
D34 C1    C6     sing Y N 21  
D34 C1    CA     sing Y N 22  
D34 C2    C3     sing Y N 23  
D34 C2    H2     sing N N 24  
D34 C3    C4     doub Y N 25  
D34 C3    H3     sing N N 26  
D34 C4    C5     sing Y N 27  
D34 C5    C6     doub Y N 28  
D34 C5    H5     sing N N 29  
D34 C6    H6     sing N N 30  
D34 CA    O1     sing Y N 31  
D34 CA    CB     doub Y N 32  
D34 O1    "CA'"  sing Y N 33  
D34 CB    "CB'"  sing Y N 34  
D34 CB    HB     sing N N 35  
D34 "CB'" "CA'"  doub Y N 36  
D34 "CB'" "HB'"  sing N N 37  
D34 "CA'" "C1'"  sing Y N 38  
D34 "C1'" "C2'"  doub Y N 39  
D34 "C1'" "C6'"  sing Y N 40  
D34 "C2'" "C3'"  sing Y N 41  
D34 "C2'" "H2'"  sing N N 42  
D34 "C3'" "C4'"  doub Y N 43  
D34 "C3'" "H3'"  sing N N 44  
D34 "C4'" "C5'"  sing Y N 45  
D34 "C4'" "C7'"  sing N N 46  
D34 "C5'" "C6'"  doub Y N 47  
D34 "C5'" "H5'"  sing N N 48  
D34 "C6'" "H6'"  sing N N 49  
D34 "C7'" "N2'"  sing N N 50  
D34 "C7'" "N1'"  sing N N 51  
D34 "C7'" H7B    sing N N 52  
D34 "N2'" "C8'"  sing N N 53  
D34 "N2'" "HN2'" sing N N 54  
D34 "N1'" "HN'1" sing N N 55  
D34 "N1'" "HN'2" sing N N 56  
D34 "C8'" "C9'"  sing N N 57  
D34 "C8'" CBX    sing N N 58  
D34 "C8'" "H8'"  sing N N 59  
D34 "C9'" CAX    sing N N 60  
D34 "C9'" "H9'1" sing N N 61  
D34 "C9'" "H9'2" sing N N 62  
D34 CAX   CBX    sing N N 63  
D34 CAX   "H0'1" sing N N 64  
D34 CAX   "H0'2" sing N N 65  
D34 CBX   "H1'1" sing N N 66  
D34 CBX   "H1'2" sing N N 67  
DA  OP3   P      sing N N 68  
DA  OP3   HOP3   sing N N 69  
DA  P     OP1    doub N N 70  
DA  P     OP2    sing N N 71  
DA  P     "O5'"  sing N N 72  
DA  OP2   HOP2   sing N N 73  
DA  "O5'" "C5'"  sing N N 74  
DA  "C5'" "C4'"  sing N N 75  
DA  "C5'" "H5'"  sing N N 76  
DA  "C5'" "H5''" sing N N 77  
DA  "C4'" "O4'"  sing N N 78  
DA  "C4'" "C3'"  sing N N 79  
DA  "C4'" "H4'"  sing N N 80  
DA  "O4'" "C1'"  sing N N 81  
DA  "C3'" "O3'"  sing N N 82  
DA  "C3'" "C2'"  sing N N 83  
DA  "C3'" "H3'"  sing N N 84  
DA  "O3'" "HO3'" sing N N 85  
DA  "C2'" "C1'"  sing N N 86  
DA  "C2'" "H2'"  sing N N 87  
DA  "C2'" "H2''" sing N N 88  
DA  "C1'" N9     sing N N 89  
DA  "C1'" "H1'"  sing N N 90  
DA  N9    C8     sing Y N 91  
DA  N9    C4     sing Y N 92  
DA  C8    N7     doub Y N 93  
DA  C8    H8     sing N N 94  
DA  N7    C5     sing Y N 95  
DA  C5    C6     sing Y N 96  
DA  C5    C4     doub Y N 97  
DA  C6    N6     sing N N 98  
DA  C6    N1     doub Y N 99  
DA  N6    H61    sing N N 100 
DA  N6    H62    sing N N 101 
DA  N1    C2     sing Y N 102 
DA  C2    N3     doub Y N 103 
DA  C2    H2     sing N N 104 
DA  N3    C4     sing Y N 105 
DC  OP3   P      sing N N 106 
DC  OP3   HOP3   sing N N 107 
DC  P     OP1    doub N N 108 
DC  P     OP2    sing N N 109 
DC  P     "O5'"  sing N N 110 
DC  OP2   HOP2   sing N N 111 
DC  "O5'" "C5'"  sing N N 112 
DC  "C5'" "C4'"  sing N N 113 
DC  "C5'" "H5'"  sing N N 114 
DC  "C5'" "H5''" sing N N 115 
DC  "C4'" "O4'"  sing N N 116 
DC  "C4'" "C3'"  sing N N 117 
DC  "C4'" "H4'"  sing N N 118 
DC  "O4'" "C1'"  sing N N 119 
DC  "C3'" "O3'"  sing N N 120 
DC  "C3'" "C2'"  sing N N 121 
DC  "C3'" "H3'"  sing N N 122 
DC  "O3'" "HO3'" sing N N 123 
DC  "C2'" "C1'"  sing N N 124 
DC  "C2'" "H2'"  sing N N 125 
DC  "C2'" "H2''" sing N N 126 
DC  "C1'" N1     sing N N 127 
DC  "C1'" "H1'"  sing N N 128 
DC  N1    C2     sing N N 129 
DC  N1    C6     sing N N 130 
DC  C2    O2     doub N N 131 
DC  C2    N3     sing N N 132 
DC  N3    C4     doub N N 133 
DC  C4    N4     sing N N 134 
DC  C4    C5     sing N N 135 
DC  N4    H41    sing N N 136 
DC  N4    H42    sing N N 137 
DC  C5    C6     doub N N 138 
DC  C5    H5     sing N N 139 
DC  C6    H6     sing N N 140 
DG  OP3   P      sing N N 141 
DG  OP3   HOP3   sing N N 142 
DG  P     OP1    doub N N 143 
DG  P     OP2    sing N N 144 
DG  P     "O5'"  sing N N 145 
DG  OP2   HOP2   sing N N 146 
DG  "O5'" "C5'"  sing N N 147 
DG  "C5'" "C4'"  sing N N 148 
DG  "C5'" "H5'"  sing N N 149 
DG  "C5'" "H5''" sing N N 150 
DG  "C4'" "O4'"  sing N N 151 
DG  "C4'" "C3'"  sing N N 152 
DG  "C4'" "H4'"  sing N N 153 
DG  "O4'" "C1'"  sing N N 154 
DG  "C3'" "O3'"  sing N N 155 
DG  "C3'" "C2'"  sing N N 156 
DG  "C3'" "H3'"  sing N N 157 
DG  "O3'" "HO3'" sing N N 158 
DG  "C2'" "C1'"  sing N N 159 
DG  "C2'" "H2'"  sing N N 160 
DG  "C2'" "H2''" sing N N 161 
DG  "C1'" N9     sing N N 162 
DG  "C1'" "H1'"  sing N N 163 
DG  N9    C8     sing Y N 164 
DG  N9    C4     sing Y N 165 
DG  C8    N7     doub Y N 166 
DG  C8    H8     sing N N 167 
DG  N7    C5     sing Y N 168 
DG  C5    C6     sing N N 169 
DG  C5    C4     doub Y N 170 
DG  C6    O6     doub N N 171 
DG  C6    N1     sing N N 172 
DG  N1    C2     sing N N 173 
DG  N1    H1     sing N N 174 
DG  C2    N2     sing N N 175 
DG  C2    N3     doub N N 176 
DG  N2    H21    sing N N 177 
DG  N2    H22    sing N N 178 
DG  N3    C4     sing N N 179 
DT  OP3   P      sing N N 180 
DT  OP3   HOP3   sing N N 181 
DT  P     OP1    doub N N 182 
DT  P     OP2    sing N N 183 
DT  P     "O5'"  sing N N 184 
DT  OP2   HOP2   sing N N 185 
DT  "O5'" "C5'"  sing N N 186 
DT  "C5'" "C4'"  sing N N 187 
DT  "C5'" "H5'"  sing N N 188 
DT  "C5'" "H5''" sing N N 189 
DT  "C4'" "O4'"  sing N N 190 
DT  "C4'" "C3'"  sing N N 191 
DT  "C4'" "H4'"  sing N N 192 
DT  "O4'" "C1'"  sing N N 193 
DT  "C3'" "O3'"  sing N N 194 
DT  "C3'" "C2'"  sing N N 195 
DT  "C3'" "H3'"  sing N N 196 
DT  "O3'" "HO3'" sing N N 197 
DT  "C2'" "C1'"  sing N N 198 
DT  "C2'" "H2'"  sing N N 199 
DT  "C2'" "H2''" sing N N 200 
DT  "C1'" N1     sing N N 201 
DT  "C1'" "H1'"  sing N N 202 
DT  N1    C2     sing N N 203 
DT  N1    C6     sing N N 204 
DT  C2    O2     doub N N 205 
DT  C2    N3     sing N N 206 
DT  N3    C4     sing N N 207 
DT  N3    H3     sing N N 208 
DT  C4    O4     doub N N 209 
DT  C4    C5     sing N N 210 
DT  C5    C7     sing N N 211 
DT  C5    C6     doub N N 212 
DT  C7    H71    sing N N 213 
DT  C7    H72    sing N N 214 
DT  C7    H73    sing N N 215 
DT  C6    H6     sing N N 216 
HOH O     H1     sing N N 217 
HOH O     H2     sing N N 218 
# 
_ndb_struct_conf_na.entry_id   1FMQ 
_ndb_struct_conf_na.feature    'b-form double helix' 
# 
loop_
_ndb_struct_na_base_pair.model_number 
_ndb_struct_na_base_pair.i_label_asym_id 
_ndb_struct_na_base_pair.i_label_comp_id 
_ndb_struct_na_base_pair.i_label_seq_id 
_ndb_struct_na_base_pair.i_symmetry 
_ndb_struct_na_base_pair.j_label_asym_id 
_ndb_struct_na_base_pair.j_label_comp_id 
_ndb_struct_na_base_pair.j_label_seq_id 
_ndb_struct_na_base_pair.j_symmetry 
_ndb_struct_na_base_pair.shear 
_ndb_struct_na_base_pair.stretch 
_ndb_struct_na_base_pair.stagger 
_ndb_struct_na_base_pair.buckle 
_ndb_struct_na_base_pair.propeller 
_ndb_struct_na_base_pair.opening 
_ndb_struct_na_base_pair.pair_number 
_ndb_struct_na_base_pair.pair_name 
_ndb_struct_na_base_pair.i_auth_asym_id 
_ndb_struct_na_base_pair.i_auth_seq_id 
_ndb_struct_na_base_pair.i_PDB_ins_code 
_ndb_struct_na_base_pair.j_auth_asym_id 
_ndb_struct_na_base_pair.j_auth_seq_id 
_ndb_struct_na_base_pair.j_PDB_ins_code 
_ndb_struct_na_base_pair.hbond_type_28 
_ndb_struct_na_base_pair.hbond_type_12 
1 A DC 1  1_555 B DG 12 1_555 0.347  -0.127 0.225  -3.731 -9.761  -6.201 1  A_DC1:DG24_B  A 1  ? B 24 ? 19 1 
1 A DG 2  1_555 B DC 11 1_555 -0.168 -0.294 0.079  -3.435 -11.785 -2.644 2  A_DG2:DC23_B  A 2  ? B 23 ? 19 1 
1 A DC 3  1_555 B DG 10 1_555 -0.169 -0.205 0.084  -3.258 -6.221  -0.218 3  A_DC3:DG22_B  A 3  ? B 22 ? 19 1 
1 A DG 4  1_555 B DC 9  1_555 -0.298 -0.288 -0.273 4.602  -10.182 -4.813 4  A_DG4:DC21_B  A 4  ? B 21 ? 19 1 
1 A DA 5  1_555 B DT 8  1_555 0.308  0.158  0.130  2.170  -14.708 4.923  5  A_DA5:DT20_B  A 5  ? B 20 ? 20 1 
1 A DA 6  1_555 B DT 7  1_555 0.391  -0.041 0.298  7.544  -18.385 9.334  6  A_DA6:DT19_B  A 6  ? B 19 ? 20 1 
1 A DT 7  1_555 B DA 6  1_555 -0.229 0.018  0.093  -0.398 -18.781 7.112  7  A_DT7:DA18_B  A 7  ? B 18 ? 20 1 
1 A DT 8  1_555 B DA 5  1_555 -0.114 -0.187 -0.175 0.683  -19.725 2.603  8  A_DT8:DA17_B  A 8  ? B 17 ? 20 1 
1 A DC 9  1_555 B DG 4  1_555 0.049  -0.312 -0.193 -7.224 -9.073  -3.437 9  A_DC9:DG16_B  A 9  ? B 16 ? 19 1 
1 A DG 10 1_555 B DC 3  1_555 -0.116 -0.144 -0.049 3.459  -5.246  3.486  10 A_DG10:DC15_B A 10 ? B 15 ? 19 1 
1 A DC 11 1_555 B DG 2  1_555 0.542  -0.298 0.204  2.147  -22.787 -3.398 11 A_DC11:DG14_B A 11 ? B 14 ? 19 1 
1 A DG 12 1_555 B DC 1  1_555 0.135  -0.150 0.383  10.224 9.676   -6.907 12 A_DG12:DC13_B A 12 ? B 13 ? 19 1 
# 
loop_
_ndb_struct_na_base_pair_step.model_number 
_ndb_struct_na_base_pair_step.i_label_asym_id_1 
_ndb_struct_na_base_pair_step.i_label_comp_id_1 
_ndb_struct_na_base_pair_step.i_label_seq_id_1 
_ndb_struct_na_base_pair_step.i_symmetry_1 
_ndb_struct_na_base_pair_step.j_label_asym_id_1 
_ndb_struct_na_base_pair_step.j_label_comp_id_1 
_ndb_struct_na_base_pair_step.j_label_seq_id_1 
_ndb_struct_na_base_pair_step.j_symmetry_1 
_ndb_struct_na_base_pair_step.i_label_asym_id_2 
_ndb_struct_na_base_pair_step.i_label_comp_id_2 
_ndb_struct_na_base_pair_step.i_label_seq_id_2 
_ndb_struct_na_base_pair_step.i_symmetry_2 
_ndb_struct_na_base_pair_step.j_label_asym_id_2 
_ndb_struct_na_base_pair_step.j_label_comp_id_2 
_ndb_struct_na_base_pair_step.j_label_seq_id_2 
_ndb_struct_na_base_pair_step.j_symmetry_2 
_ndb_struct_na_base_pair_step.shift 
_ndb_struct_na_base_pair_step.slide 
_ndb_struct_na_base_pair_step.rise 
_ndb_struct_na_base_pair_step.tilt 
_ndb_struct_na_base_pair_step.roll 
_ndb_struct_na_base_pair_step.twist 
_ndb_struct_na_base_pair_step.x_displacement 
_ndb_struct_na_base_pair_step.y_displacement 
_ndb_struct_na_base_pair_step.helical_rise 
_ndb_struct_na_base_pair_step.inclination 
_ndb_struct_na_base_pair_step.tip 
_ndb_struct_na_base_pair_step.helical_twist 
_ndb_struct_na_base_pair_step.step_number 
_ndb_struct_na_base_pair_step.step_name 
_ndb_struct_na_base_pair_step.i_auth_asym_id_1 
_ndb_struct_na_base_pair_step.i_auth_seq_id_1 
_ndb_struct_na_base_pair_step.i_PDB_ins_code_1 
_ndb_struct_na_base_pair_step.j_auth_asym_id_1 
_ndb_struct_na_base_pair_step.j_auth_seq_id_1 
_ndb_struct_na_base_pair_step.j_PDB_ins_code_1 
_ndb_struct_na_base_pair_step.i_auth_asym_id_2 
_ndb_struct_na_base_pair_step.i_auth_seq_id_2 
_ndb_struct_na_base_pair_step.i_PDB_ins_code_2 
_ndb_struct_na_base_pair_step.j_auth_asym_id_2 
_ndb_struct_na_base_pair_step.j_auth_seq_id_2 
_ndb_struct_na_base_pair_step.j_PDB_ins_code_2 
1 A DC 1  1_555 B DG 12 1_555 A DG 2  1_555 B DC 11 1_555 -0.113 0.224  3.391 1.208  8.464   33.579 -0.986 0.384  3.341 14.363  
-2.049 34.620 1  AA_DC1DG2:DC23DG24_BB   A 1  ? B 24 ? A 2  ? B 23 ? 
1 A DG 2  1_555 B DC 11 1_555 A DC 3  1_555 B DG 10 1_555 0.519  0.257  3.399 2.035  -4.869  37.664 1.039  -0.527 3.364 -7.496  
-3.133 38.018 2  AA_DG2DC3:DG22DC23_BB   A 2  ? B 23 ? A 3  ? B 22 ? 
1 A DC 3  1_555 B DG 10 1_555 A DG 4  1_555 B DC 9  1_555 -0.393 0.757  3.293 2.943  9.485   31.526 -0.336 1.209  3.326 16.939  
-5.256 33.016 3  AA_DC3DG4:DC21DG22_BB   A 3  ? B 22 ? A 4  ? B 21 ? 
1 A DG 4  1_555 B DC 9  1_555 A DA 5  1_555 B DT 8  1_555 0.421  0.140  3.373 -2.505 3.297   37.016 -0.230 -1.002 3.338 5.174   
3.930  37.239 4  AA_DG4DA5:DT20DC21_BB   A 4  ? B 21 ? A 5  ? B 20 ? 
1 A DA 5  1_555 B DT 8  1_555 A DA 6  1_555 B DT 7  1_555 0.235  -0.359 3.109 -2.064 3.063   36.210 -0.977 -0.648 3.052 4.912   
3.310  36.391 5  AA_DA5DA6:DT19DT20_BB   A 5  ? B 20 ? A 6  ? B 19 ? 
1 A DA 6  1_555 B DT 7  1_555 A DT 7  1_555 B DA 6  1_555 -0.104 -0.823 3.518 2.484  -2.481  29.634 -1.039 0.763  3.553 -4.830  
-4.836 29.836 6  AA_DA6DT7:DA18DT19_BB   A 6  ? B 19 ? A 7  ? B 18 ? 
1 A DT 7  1_555 B DA 6  1_555 A DT 8  1_555 B DA 5  1_555 -0.257 -0.261 3.219 2.374  6.150   35.724 -1.257 0.736  3.110 9.920   
-3.829 36.308 7  AA_DT7DT8:DA17DA18_BB   A 7  ? B 18 ? A 8  ? B 17 ? 
1 A DT 8  1_555 B DA 5  1_555 A DC 9  1_555 B DG 4  1_555 -0.279 0.121  3.570 -0.209 -1.739  39.560 0.401  0.386  3.563 -2.568  
0.309  39.597 8  AA_DT8DC9:DG16DA17_BB   A 8  ? B 17 ? A 9  ? B 16 ? 
1 A DC 9  1_555 B DG 4  1_555 A DG 10 1_555 B DC 3  1_555 0.541  1.301  3.288 -0.780 2.475   31.515 1.921  -1.139 3.363 4.547   
1.433  31.619 9  AA_DC9DG10:DC15DG16_BB  A 9  ? B 16 ? A 10 ? B 15 ? 
1 A DG 10 1_555 B DC 3  1_555 A DC 11 1_555 B DG 2  1_555 -0.988 0.768  3.519 -3.341 -10.761 43.289 2.057  0.975  3.311 -14.300 
4.440  44.663 10 AA_DG10DC11:DG14DC15_BB A 10 ? B 15 ? A 11 ? B 14 ? 
1 A DC 11 1_555 B DG 2  1_555 A DG 12 1_555 B DC 1  1_555 0.679  0.392  3.367 -0.718 -3.601  35.635 1.166  -1.210 3.299 -5.865  
1.170  35.818 11 AA_DC11DG12:DC13DG14_BB A 11 ? B 14 ? A 12 ? B 13 ? 
# 
_atom_sites.entry_id                    1FMQ 
_atom_sites.fract_transf_matrix[1][1]   -0.02177651 
_atom_sites.fract_transf_matrix[1][2]   -0.03335173 
_atom_sites.fract_transf_matrix[1][3]   -0.00561216 
_atom_sites.fract_transf_matrix[2][1]   -0.00784798 
_atom_sites.fract_transf_matrix[2][2]   0.00121274 
_atom_sites.fract_transf_matrix[2][3]   0.02324497 
_atom_sites.fract_transf_matrix[3][1]   -0.01170545 
_atom_sites.fract_transf_matrix[3][2]   0.00838149 
_atom_sites.fract_transf_matrix[3][3]   -0.00438928 
_atom_sites.fract_transf_vector[1]      0.290505 
_atom_sites.fract_transf_vector[2]      0.554827 
_atom_sites.fract_transf_vector[3]      0.150074 
# 
loop_
_atom_type.symbol 
C  
MG 
N  
O  
P  
# 
loop_
_atom_site.group_PDB 
_atom_site.id 
_atom_site.type_symbol 
_atom_site.label_atom_id 
_atom_site.label_alt_id 
_atom_site.label_comp_id 
_atom_site.label_asym_id 
_atom_site.label_entity_id 
_atom_site.label_seq_id 
_atom_site.pdbx_PDB_ins_code 
_atom_site.Cartn_x 
_atom_site.Cartn_y 
_atom_site.Cartn_z 
_atom_site.occupancy 
_atom_site.B_iso_or_equiv 
_atom_site.pdbx_formal_charge 
_atom_site.auth_seq_id 
_atom_site.auth_comp_id 
_atom_site.auth_asym_id 
_atom_site.auth_atom_id 
_atom_site.pdbx_PDB_model_num 
ATOM   1   O  "O5'" . DC  A 1 1  ? -22.007 -0.186  4.794   1.00 43.38 ? 1   DC  A "O5'" 1 
ATOM   2   C  "C5'" . DC  A 1 1  ? -21.116 -1.335  4.897   1.00 37.60 ? 1   DC  A "C5'" 1 
ATOM   3   C  "C4'" . DC  A 1 1  ? -21.233 -2.197  3.665   1.00 32.17 ? 1   DC  A "C4'" 1 
ATOM   4   O  "O4'" . DC  A 1 1  ? -21.180 -1.344  2.504   1.00 35.56 ? 1   DC  A "O4'" 1 
ATOM   5   C  "C3'" . DC  A 1 1  ? -20.176 -3.275  3.476   1.00 28.51 ? 1   DC  A "C3'" 1 
ATOM   6   O  "O3'" . DC  A 1 1  ? -20.858 -4.402  2.939   1.00 32.81 ? 1   DC  A "O3'" 1 
ATOM   7   C  "C2'" . DC  A 1 1  ? -19.221 -2.638  2.498   1.00 27.80 ? 1   DC  A "C2'" 1 
ATOM   8   C  "C1'" . DC  A 1 1  ? -20.162 -1.765  1.655   1.00 27.15 ? 1   DC  A "C1'" 1 
ATOM   9   N  N1    . DC  A 1 1  ? -19.529 -0.567  1.045   1.00 20.62 ? 1   DC  A N1    1 
ATOM   10  C  C2    . DC  A 1 1  ? -19.592 -0.411  -0.340  1.00 17.16 ? 1   DC  A C2    1 
ATOM   11  O  O2    . DC  A 1 1  ? -20.187 -1.250  -1.006  1.00 23.55 ? 1   DC  A O2    1 
ATOM   12  N  N3    . DC  A 1 1  ? -19.002 0.646   -0.921  1.00 17.35 ? 1   DC  A N3    1 
ATOM   13  C  C4    . DC  A 1 1  ? -18.358 1.533   -0.177  1.00 17.91 ? 1   DC  A C4    1 
ATOM   14  N  N4    . DC  A 1 1  ? -17.793 2.563   -0.795  1.00 14.33 ? 1   DC  A N4    1 
ATOM   15  C  C5    . DC  A 1 1  ? -18.266 1.403   1.244   1.00 15.64 ? 1   DC  A C5    1 
ATOM   16  C  C6    . DC  A 1 1  ? -18.861 0.342   1.804   1.00 16.19 ? 1   DC  A C6    1 
ATOM   17  P  P     . DG  A 1 2  ? -20.164 -5.853  2.930   1.00 35.32 ? 2   DG  A P     1 
ATOM   18  O  OP1   . DG  A 1 2  ? -21.246 -6.836  3.182   1.00 37.13 ? 2   DG  A OP1   1 
ATOM   19  O  OP2   . DG  A 1 2  ? -18.943 -5.855  3.782   1.00 40.34 ? 2   DG  A OP2   1 
ATOM   20  O  "O5'" . DG  A 1 2  ? -19.649 -6.015  1.445   1.00 40.50 ? 2   DG  A "O5'" 1 
ATOM   21  C  "C5'" . DG  A 1 2  ? -20.602 -6.217  0.421   1.00 35.86 ? 2   DG  A "C5'" 1 
ATOM   22  C  "C4'" . DG  A 1 2  ? -19.905 -6.434  -0.891  1.00 31.91 ? 2   DG  A "C4'" 1 
ATOM   23  O  "O4'" . DG  A 1 2  ? -19.351 -5.193  -1.382  1.00 30.64 ? 2   DG  A "O4'" 1 
ATOM   24  C  "C3'" . DG  A 1 2  ? -18.743 -7.409  -0.796  1.00 31.27 ? 2   DG  A "C3'" 1 
ATOM   25  O  "O3'" . DG  A 1 2  ? -18.884 -8.387  -1.838  1.00 35.84 ? 2   DG  A "O3'" 1 
ATOM   26  C  "C2'" . DG  A 1 2  ? -17.516 -6.513  -0.845  1.00 27.68 ? 2   DG  A "C2'" 1 
ATOM   27  C  "C1'" . DG  A 1 2  ? -17.979 -5.321  -1.651  1.00 23.90 ? 2   DG  A "C1'" 1 
ATOM   28  N  N9    . DG  A 1 2  ? -17.357 -4.054  -1.313  1.00 20.26 ? 2   DG  A N9    1 
ATOM   29  C  C8    . DG  A 1 2  ? -17.003 -3.587  -0.069  1.00 17.29 ? 2   DG  A C8    1 
ATOM   30  N  N7    . DG  A 1 2  ? -16.471 -2.395  -0.104  1.00 16.63 ? 2   DG  A N7    1 
ATOM   31  C  C5    . DG  A 1 2  ? -16.484 -2.057  -1.453  1.00 18.43 ? 2   DG  A C5    1 
ATOM   32  C  C6    . DG  A 1 2  ? -16.030 -0.879  -2.128  1.00 18.29 ? 2   DG  A C6    1 
ATOM   33  O  O6    . DG  A 1 2  ? -15.514 0.126   -1.657  1.00 22.16 ? 2   DG  A O6    1 
ATOM   34  N  N1    . DG  A 1 2  ? -16.235 -0.960  -3.505  1.00 17.72 ? 2   DG  A N1    1 
ATOM   35  C  C2    . DG  A 1 2  ? -16.795 -2.040  -4.154  1.00 14.94 ? 2   DG  A C2    1 
ATOM   36  N  N2    . DG  A 1 2  ? -16.909 -1.950  -5.493  1.00 14.86 ? 2   DG  A N2    1 
ATOM   37  N  N3    . DG  A 1 2  ? -17.214 -3.132  -3.539  1.00 12.29 ? 2   DG  A N3    1 
ATOM   38  C  C4    . DG  A 1 2  ? -17.032 -3.074  -2.203  1.00 15.49 ? 2   DG  A C4    1 
ATOM   39  P  P     . DC  A 1 3  ? -17.756 -9.502  -2.065  1.00 34.94 ? 3   DC  A P     1 
ATOM   40  O  OP1   . DC  A 1 3  ? -18.421 -10.727 -2.559  1.00 38.10 ? 3   DC  A OP1   1 
ATOM   41  O  OP2   . DC  A 1 3  ? -16.872 -9.558  -0.874  1.00 33.20 ? 3   DC  A OP2   1 
ATOM   42  O  "O5'" . DC  A 1 3  ? -16.914 -8.864  -3.246  1.00 35.41 ? 3   DC  A "O5'" 1 
ATOM   43  C  "C5'" . DC  A 1 3  ? -17.586 -8.473  -4.432  1.00 34.41 ? 3   DC  A "C5'" 1 
ATOM   44  C  "C4'" . DC  A 1 3  ? -16.615 -7.868  -5.415  1.00 30.99 ? 3   DC  A "C4'" 1 
ATOM   45  O  "O4'" . DC  A 1 3  ? -16.268 -6.538  -4.961  1.00 28.00 ? 3   DC  A "O4'" 1 
ATOM   46  C  "C3'" . DC  A 1 3  ? -15.314 -8.655  -5.555  1.00 32.39 ? 3   DC  A "C3'" 1 
ATOM   47  O  "O3'" . DC  A 1 3  ? -15.178 -9.276  -6.847  1.00 34.28 ? 3   DC  A "O3'" 1 
ATOM   48  C  "C2'" . DC  A 1 3  ? -14.230 -7.665  -5.167  1.00 29.53 ? 3   DC  A "C2'" 1 
ATOM   49  C  "C1'" . DC  A 1 3  ? -14.914 -6.294  -5.186  1.00 26.53 ? 3   DC  A "C1'" 1 
ATOM   50  N  N1    . DC  A 1 3  ? -14.408 -5.463  -4.083  1.00 20.57 ? 3   DC  A N1    1 
ATOM   51  C  C2    . DC  A 1 3  ? -13.972 -4.179  -4.347  1.00 20.55 ? 3   DC  A C2    1 
ATOM   52  O  O2    . DC  A 1 3  ? -14.048 -3.754  -5.504  1.00 23.93 ? 3   DC  A O2    1 
ATOM   53  N  N3    . DC  A 1 3  ? -13.475 -3.427  -3.337  1.00 18.12 ? 3   DC  A N3    1 
ATOM   54  C  C4    . DC  A 1 3  ? -13.410 -3.931  -2.118  1.00 15.43 ? 3   DC  A C4    1 
ATOM   55  N  N4    . DC  A 1 3  ? -12.916 -3.157  -1.142  1.00 19.65 ? 3   DC  A N4    1 
ATOM   56  C  C5    . DC  A 1 3  ? -13.843 -5.242  -1.829  1.00 16.85 ? 3   DC  A C5    1 
ATOM   57  C  C6    . DC  A 1 3  ? -14.330 -5.967  -2.826  1.00 18.51 ? 3   DC  A C6    1 
ATOM   58  P  P     . DG  A 1 4  ? -13.851 -10.103 -7.207  1.00 26.86 ? 4   DG  A P     1 
ATOM   59  O  OP1   . DG  A 1 4  ? -14.196 -11.188 -8.136  1.00 34.03 ? 4   DG  A OP1   1 
ATOM   60  O  OP2   . DG  A 1 4  ? -13.153 -10.415 -5.947  1.00 35.65 ? 4   DG  A OP2   1 
ATOM   61  O  "O5'" . DG  A 1 4  ? -12.967 -9.033  -7.969  1.00 31.36 ? 4   DG  A "O5'" 1 
ATOM   62  C  "C5'" . DG  A 1 4  ? -13.502 -8.353  -9.095  1.00 28.48 ? 4   DG  A "C5'" 1 
ATOM   63  C  "C4'" . DG  A 1 4  ? -12.468 -7.427  -9.681  1.00 29.60 ? 4   DG  A "C4'" 1 
ATOM   64  O  "O4'" . DG  A 1 4  ? -12.215 -6.349  -8.756  1.00 29.13 ? 4   DG  A "O4'" 1 
ATOM   65  C  "C3'" . DG  A 1 4  ? -11.116 -8.079  -9.978  1.00 31.98 ? 4   DG  A "C3'" 1 
ATOM   66  O  "O3'" . DG  A 1 4  ? -10.655 -7.530  -11.221 1.00 40.31 ? 4   DG  A "O3'" 1 
ATOM   67  C  "C2'" . DG  A 1 4  ? -10.265 -7.705  -8.787  1.00 26.46 ? 4   DG  A "C2'" 1 
ATOM   68  C  "C1'" . DG  A 1 4  ? -10.843 -6.347  -8.387  1.00 27.41 ? 4   DG  A "C1'" 1 
ATOM   69  N  N9    . DG  A 1 4  ? -10.761 -6.121  -6.962  1.00 21.78 ? 4   DG  A N9    1 
ATOM   70  C  C8    . DG  A 1 4  ? -10.953 -7.049  -5.969  1.00 17.77 ? 4   DG  A C8    1 
ATOM   71  N  N7    . DG  A 1 4  ? -10.795 -6.557  -4.774  1.00 18.94 ? 4   DG  A N7    1 
ATOM   72  C  C5    . DG  A 1 4  ? -10.479 -5.227  -4.991  1.00 13.98 ? 4   DG  A C5    1 
ATOM   73  C  C6    . DG  A 1 4  ? -10.203 -4.195  -4.072  1.00 17.42 ? 4   DG  A C6    1 
ATOM   74  O  O6    . DG  A 1 4  ? -10.184 -4.249  -2.845  1.00 24.30 ? 4   DG  A O6    1 
ATOM   75  N  N1    . DG  A 1 4  ? -9.928  -2.994  -4.720  1.00 19.50 ? 4   DG  A N1    1 
ATOM   76  C  C2    . DG  A 1 4  ? -9.924  -2.818  -6.083  1.00 21.40 ? 4   DG  A C2    1 
ATOM   77  N  N2    . DG  A 1 4  ? -9.639  -1.598  -6.506  1.00 22.50 ? 4   DG  A N2    1 
ATOM   78  N  N3    . DG  A 1 4  ? -10.179 -3.772  -6.953  1.00 18.92 ? 4   DG  A N3    1 
ATOM   79  C  C4    . DG  A 1 4  ? -10.450 -4.944  -6.339  1.00 16.28 ? 4   DG  A C4    1 
ATOM   80  P  P     . DA  A 1 5  ? -9.196  -7.893  -11.794 1.00 44.21 ? 5   DA  A P     1 
ATOM   81  O  OP1   . DA  A 1 5  ? -9.373  -7.885  -13.260 1.00 43.35 ? 5   DA  A OP1   1 
ATOM   82  O  OP2   . DA  A 1 5  ? -8.659  -9.096  -11.097 1.00 42.22 ? 5   DA  A OP2   1 
ATOM   83  O  "O5'" . DA  A 1 5  ? -8.335  -6.620  -11.400 1.00 39.53 ? 5   DA  A "O5'" 1 
ATOM   84  C  "C5'" . DA  A 1 5  ? -8.708  -5.350  -11.925 1.00 34.25 ? 5   DA  A "C5'" 1 
ATOM   85  C  "C4'" . DA  A 1 5  ? -7.807  -4.276  -11.379 1.00 32.12 ? 5   DA  A "C4'" 1 
ATOM   86  O  "O4'" . DA  A 1 5  ? -7.934  -4.235  -9.933  1.00 27.91 ? 5   DA  A "O4'" 1 
ATOM   87  C  "C3'" . DA  A 1 5  ? -6.337  -4.542  -11.656 1.00 32.58 ? 5   DA  A "C3'" 1 
ATOM   88  O  "O3'" . DA  A 1 5  ? -5.713  -3.331  -12.069 1.00 31.50 ? 5   DA  A "O3'" 1 
ATOM   89  C  "C2'" . DA  A 1 5  ? -5.791  -5.074  -10.345 1.00 29.65 ? 5   DA  A "C2'" 1 
ATOM   90  C  "C1'" . DA  A 1 5  ? -6.673  -4.401  -9.316  1.00 29.95 ? 5   DA  A "C1'" 1 
ATOM   91  N  N9    . DA  A 1 5  ? -6.874  -5.166  -8.105  1.00 24.55 ? 5   DA  A N9    1 
ATOM   92  C  C8    . DA  A 1 5  ? -7.234  -6.479  -7.984  1.00 23.76 ? 5   DA  A C8    1 
ATOM   93  N  N7    . DA  A 1 5  ? -7.348  -6.882  -6.739  1.00 21.77 ? 5   DA  A N7    1 
ATOM   94  C  C5    . DA  A 1 5  ? -7.044  -5.755  -5.996  1.00 19.72 ? 5   DA  A C5    1 
ATOM   95  C  C6    . DA  A 1 5  ? -6.978  -5.520  -4.609  1.00 17.68 ? 5   DA  A C6    1 
ATOM   96  N  N6    . DA  A 1 5  ? -7.235  -6.452  -3.695  1.00 20.14 ? 5   DA  A N6    1 
ATOM   97  N  N1    . DA  A 1 5  ? -6.644  -4.286  -4.192  1.00 19.60 ? 5   DA  A N1    1 
ATOM   98  C  C2    . DA  A 1 5  ? -6.393  -3.353  -5.108  1.00 23.27 ? 5   DA  A C2    1 
ATOM   99  N  N3    . DA  A 1 5  ? -6.420  -3.450  -6.444  1.00 25.84 ? 5   DA  A N3    1 
ATOM   100 C  C4    . DA  A 1 5  ? -6.753  -4.690  -6.826  1.00 21.94 ? 5   DA  A C4    1 
ATOM   101 P  P     . DA  A 1 6  ? -4.117  -3.282  -12.270 1.00 32.18 ? 6   DA  A P     1 
ATOM   102 O  OP1   . DA  A 1 6  ? -3.811  -2.251  -13.276 1.00 32.97 ? 6   DA  A OP1   1 
ATOM   103 O  OP2   . DA  A 1 6  ? -3.653  -4.679  -12.472 1.00 33.78 ? 6   DA  A OP2   1 
ATOM   104 O  "O5'" . DA  A 1 6  ? -3.591  -2.796  -10.855 1.00 32.29 ? 6   DA  A "O5'" 1 
ATOM   105 C  "C5'" . DA  A 1 6  ? -3.819  -1.460  -10.444 1.00 24.14 ? 6   DA  A "C5'" 1 
ATOM   106 C  "C4'" . DA  A 1 6  ? -3.034  -1.159  -9.196  1.00 21.68 ? 6   DA  A "C4'" 1 
ATOM   107 O  "O4'" . DA  A 1 6  ? -3.485  -2.046  -8.156  1.00 23.05 ? 6   DA  A "O4'" 1 
ATOM   108 C  "C3'" . DA  A 1 6  ? -1.535  -1.387  -9.313  1.00 19.96 ? 6   DA  A "C3'" 1 
ATOM   109 O  "O3'" . DA  A 1 6  ? -0.868  -0.194  -8.919  1.00 21.64 ? 6   DA  A "O3'" 1 
ATOM   110 C  "C2'" . DA  A 1 6  ? -1.248  -2.601  -8.445  1.00 21.46 ? 6   DA  A "C2'" 1 
ATOM   111 C  "C1'" . DA  A 1 6  ? -2.379  -2.613  -7.459  1.00 20.21 ? 6   DA  A "C1'" 1 
ATOM   112 N  N9    . DA  A 1 6  ? -2.806  -3.928  -6.967  1.00 20.03 ? 6   DA  A N9    1 
ATOM   113 C  C8    . DA  A 1 6  ? -3.083  -5.044  -7.709  1.00 21.81 ? 6   DA  A C8    1 
ATOM   114 N  N7    . DA  A 1 6  ? -3.478  -6.071  -6.995  1.00 19.58 ? 6   DA  A N7    1 
ATOM   115 C  C5    . DA  A 1 6  ? -3.467  -5.594  -5.684  1.00 18.38 ? 6   DA  A C5    1 
ATOM   116 C  C6    . DA  A 1 6  ? -3.792  -6.194  -4.441  1.00 19.01 ? 6   DA  A C6    1 
ATOM   117 N  N6    . DA  A 1 6  ? -4.197  -7.456  -4.314  1.00 18.78 ? 6   DA  A N6    1 
ATOM   118 N  N1    . DA  A 1 6  ? -3.681  -5.434  -3.324  1.00 15.85 ? 6   DA  A N1    1 
ATOM   119 C  C2    . DA  A 1 6  ? -3.276  -4.171  -3.448  1.00 12.59 ? 6   DA  A C2    1 
ATOM   120 N  N3    . DA  A 1 6  ? -2.943  -3.498  -4.547  1.00 18.14 ? 6   DA  A N3    1 
ATOM   121 C  C4    . DA  A 1 6  ? -3.061  -4.277  -5.654  1.00 17.90 ? 6   DA  A C4    1 
ATOM   122 P  P     . DT  A 1 7  ? 0.737   -0.116  -8.899  1.00 20.38 ? 7   DT  A P     1 
ATOM   123 O  OP1   . DT  A 1 7  ? 1.044   1.309   -9.062  1.00 25.55 ? 7   DT  A OP1   1 
ATOM   124 O  OP2   . DT  A 1 7  ? 1.334   -1.121  -9.806  1.00 24.18 ? 7   DT  A OP2   1 
ATOM   125 O  "O5'" . DT  A 1 7  ? 1.094   -0.543  -7.427  1.00 23.34 ? 7   DT  A "O5'" 1 
ATOM   126 C  "C5'" . DT  A 1 7  ? 0.545   0.214   -6.375  1.00 23.00 ? 7   DT  A "C5'" 1 
ATOM   127 C  "C4'" . DT  A 1 7  ? 0.905   -0.383  -5.044  1.00 21.50 ? 7   DT  A "C4'" 1 
ATOM   128 O  "O4'" . DT  A 1 7  ? 0.270   -1.661  -4.902  1.00 21.22 ? 7   DT  A "O4'" 1 
ATOM   129 C  "C3'" . DT  A 1 7  ? 2.387   -0.619  -4.807  1.00 22.97 ? 7   DT  A "C3'" 1 
ATOM   130 O  "O3'" . DT  A 1 7  ? 2.773   0.201   -3.728  1.00 28.25 ? 7   DT  A "O3'" 1 
ATOM   131 C  "C2'" . DT  A 1 7  ? 2.491   -2.107  -4.557  1.00 18.67 ? 7   DT  A "C2'" 1 
ATOM   132 C  "C1'" . DT  A 1 7  ? 1.094   -2.455  -4.112  1.00 19.20 ? 7   DT  A "C1'" 1 
ATOM   133 N  N1    . DT  A 1 7  ? 0.703   -3.840  -4.313  1.00 19.93 ? 7   DT  A N1    1 
ATOM   134 C  C2    . DT  A 1 7  ? 0.275   -4.578  -3.223  1.00 21.05 ? 7   DT  A C2    1 
ATOM   135 O  O2    . DT  A 1 7  ? 0.211   -4.129  -2.091  1.00 24.36 ? 7   DT  A O2    1 
ATOM   136 N  N3    . DT  A 1 7  ? -0.072  -5.875  -3.509  1.00 18.41 ? 7   DT  A N3    1 
ATOM   137 C  C4    . DT  A 1 7  ? -0.042  -6.488  -4.739  1.00 20.29 ? 7   DT  A C4    1 
ATOM   138 O  O4    . DT  A 1 7  ? -0.385  -7.654  -4.845  1.00 19.77 ? 7   DT  A O4    1 
ATOM   139 C  C5    . DT  A 1 7  ? 0.411   -5.657  -5.826  1.00 19.49 ? 7   DT  A C5    1 
ATOM   140 C  C7    . DT  A 1 7  ? 0.483   -6.246  -7.193  1.00 27.25 ? 7   DT  A C7    1 
ATOM   141 C  C6    . DT  A 1 7  ? 0.756   -4.392  -5.565  1.00 16.48 ? 7   DT  A C6    1 
ATOM   142 P  P     . DT  A 1 8  ? 4.315   0.354   -3.336  1.00 26.81 ? 8   DT  A P     1 
ATOM   143 O  OP1   . DT  A 1 8  ? 4.416   1.746   -2.805  1.00 30.41 ? 8   DT  A OP1   1 
ATOM   144 O  OP2   . DT  A 1 8  ? 5.192   -0.078  -4.452  1.00 31.64 ? 8   DT  A OP2   1 
ATOM   145 O  "O5'" . DT  A 1 8  ? 4.499   -0.707  -2.161  1.00 31.26 ? 8   DT  A "O5'" 1 
ATOM   146 C  "C5'" . DT  A 1 8  ? 3.693   -0.578  -1.004  1.00 27.82 ? 8   DT  A "C5'" 1 
ATOM   147 C  "C4'" . DT  A 1 8  ? 3.918   -1.718  -0.049  1.00 22.73 ? 8   DT  A "C4'" 1 
ATOM   148 O  "O4'" . DT  A 1 8  ? 3.338   -2.938  -0.526  1.00 22.57 ? 8   DT  A "O4'" 1 
ATOM   149 C  "C3'" . DT  A 1 8  ? 5.366   -2.054  0.273   1.00 27.82 ? 8   DT  A "C3'" 1 
ATOM   150 O  "O3'" . DT  A 1 8  ? 5.576   -1.861  1.681   1.00 37.66 ? 8   DT  A "O3'" 1 
ATOM   151 C  "C2'" . DT  A 1 8  ? 5.559   -3.485  -0.216  1.00 23.66 ? 8   DT  A "C2'" 1 
ATOM   152 C  "C1'" . DT  A 1 8  ? 4.177   -4.051  -0.211  1.00 21.62 ? 8   DT  A "C1'" 1 
ATOM   153 N  N1    . DT  A 1 8  ? 3.873   -5.091  -1.188  1.00 24.44 ? 8   DT  A N1    1 
ATOM   154 C  C2    . DT  A 1 8  ? 3.190   -6.199  -0.763  1.00 25.61 ? 8   DT  A C2    1 
ATOM   155 O  O2    . DT  A 1 8  ? 2.877   -6.380  0.386   1.00 35.88 ? 8   DT  A O2    1 
ATOM   156 N  N3    . DT  A 1 8  ? 2.902   -7.107  -1.741  1.00 24.71 ? 8   DT  A N3    1 
ATOM   157 C  C4    . DT  A 1 8  ? 3.204   -7.014  -3.085  1.00 22.43 ? 8   DT  A C4    1 
ATOM   158 O  O4    . DT  A 1 8  ? 2.878   -7.921  -3.841  1.00 25.04 ? 8   DT  A O4    1 
ATOM   159 C  C5    . DT  A 1 8  ? 3.902   -5.819  -3.478  1.00 22.91 ? 8   DT  A C5    1 
ATOM   160 C  C7    . DT  A 1 8  ? 4.264   -5.630  -4.915  1.00 21.35 ? 8   DT  A C7    1 
ATOM   161 C  C6    . DT  A 1 8  ? 4.194   -4.919  -2.528  1.00 24.24 ? 8   DT  A C6    1 
ATOM   162 P  P     . DC  A 1 9  ? 6.957   -2.292  2.363   1.00 37.18 ? 9   DC  A P     1 
ATOM   163 O  OP1   . DC  A 1 9  ? 7.230   -1.391  3.503   1.00 39.67 ? 9   DC  A OP1   1 
ATOM   164 O  OP2   . DC  A 1 9  ? 7.961   -2.490  1.294   1.00 40.71 ? 9   DC  A OP2   1 
ATOM   165 O  "O5'" . DC  A 1 9  ? 6.625   -3.745  2.886   1.00 36.23 ? 9   DC  A "O5'" 1 
ATOM   166 C  "C5'" . DC  A 1 9  ? 5.493   -3.943  3.702   1.00 31.65 ? 9   DC  A "C5'" 1 
ATOM   167 C  "C4'" . DC  A 1 9  ? 5.522   -5.337  4.254   1.00 34.80 ? 9   DC  A "C4'" 1 
ATOM   168 O  "O4'" . DC  A 1 9  ? 5.181   -6.275  3.210   1.00 33.14 ? 9   DC  A "O4'" 1 
ATOM   169 C  "C3'" . DC  A 1 9  ? 6.915   -5.730  4.730   1.00 35.28 ? 9   DC  A "C3'" 1 
ATOM   170 O  "O3'" . DC  A 1 9  ? 6.827   -6.231  6.060   1.00 37.35 ? 9   DC  A "O3'" 1 
ATOM   171 C  "C2'" . DC  A 1 9  ? 7.431   -6.691  3.672   1.00 33.35 ? 9   DC  A "C2'" 1 
ATOM   172 C  "C1'" . DC  A 1 9  ? 6.173   -7.296  3.091   1.00 33.62 ? 9   DC  A "C1'" 1 
ATOM   173 N  N1    . DC  A 1 9  ? 6.225   -7.655  1.669   1.00 32.85 ? 9   DC  A N1    1 
ATOM   174 C  C2    . DC  A 1 9  ? 5.623   -8.850  1.253   1.00 33.62 ? 9   DC  A C2    1 
ATOM   175 O  O2    . DC  A 1 9  ? 5.092   -9.598  2.105   1.00 32.75 ? 9   DC  A O2    1 
ATOM   176 N  N3    . DC  A 1 9  ? 5.643   -9.168  -0.069  1.00 36.35 ? 9   DC  A N3    1 
ATOM   177 C  C4    . DC  A 1 9  ? 6.217   -8.344  -0.948  1.00 33.51 ? 9   DC  A C4    1 
ATOM   178 N  N4    . DC  A 1 9  ? 6.208   -8.707  -2.227  1.00 35.13 ? 9   DC  A N4    1 
ATOM   179 C  C5    . DC  A 1 9  ? 6.821   -7.119  -0.552  1.00 29.09 ? 9   DC  A C5    1 
ATOM   180 C  C6    . DC  A 1 9  ? 6.801   -6.812  0.752   1.00 31.35 ? 9   DC  A C6    1 
ATOM   181 P  P     . DG  A 1 10 ? 8.139   -6.339  6.964   1.00 39.15 ? 10  DG  A P     1 
ATOM   182 O  OP1   . DG  A 1 10 ? 7.751   -5.963  8.363   1.00 44.18 ? 10  DG  A OP1   1 
ATOM   183 O  OP2   . DG  A 1 10 ? 9.271   -5.659  6.288   1.00 36.81 ? 10  DG  A OP2   1 
ATOM   184 O  "O5'" . DG  A 1 10 ? 8.419   -7.890  6.969   1.00 37.73 ? 10  DG  A "O5'" 1 
ATOM   185 C  "C5'" . DG  A 1 10 ? 7.400   -8.714  7.466   1.00 38.25 ? 10  DG  A "C5'" 1 
ATOM   186 C  "C4'" . DG  A 1 10 ? 7.620   -10.131 7.030   1.00 39.71 ? 10  DG  A "C4'" 1 
ATOM   187 O  "O4'" . DG  A 1 10 ? 7.597   -10.199 5.593   1.00 37.93 ? 10  DG  A "O4'" 1 
ATOM   188 C  "C3'" . DG  A 1 10 ? 8.933   -10.748 7.485   1.00 42.76 ? 10  DG  A "C3'" 1 
ATOM   189 O  "O3'" . DG  A 1 10 ? 8.567   -11.829 8.355   1.00 48.24 ? 10  DG  A "O3'" 1 
ATOM   190 C  "C2'" . DG  A 1 10 ? 9.719   -10.971 6.205   1.00 38.36 ? 10  DG  A "C2'" 1 
ATOM   191 C  "C1'" . DG  A 1 10 ? 8.675   -10.961 5.102   1.00 36.84 ? 10  DG  A "C1'" 1 
ATOM   192 N  N9    . DG  A 1 10 ? 9.035   -10.397 3.774   1.00 31.70 ? 10  DG  A N9    1 
ATOM   193 C  C8    . DG  A 1 10 ? 9.711   -9.236  3.488   1.00 27.46 ? 10  DG  A C8    1 
ATOM   194 N  N7    . DG  A 1 10 ? 9.841   -9.019  2.205   1.00 29.26 ? 10  DG  A N7    1 
ATOM   195 C  C5    . DG  A 1 10 ? 9.205   -10.099 1.610   1.00 28.59 ? 10  DG  A C5    1 
ATOM   196 C  C6    . DG  A 1 10 ? 9.007   -10.435 0.226   1.00 29.53 ? 10  DG  A C6    1 
ATOM   197 O  O6    . DG  A 1 10 ? 9.375   -9.811  -0.790  1.00 28.06 ? 10  DG  A O6    1 
ATOM   198 N  N1    . DG  A 1 10 ? 8.302   -11.631 0.089   1.00 25.66 ? 10  DG  A N1    1 
ATOM   199 C  C2    . DG  A 1 10 ? 7.849   -12.398 1.129   1.00 25.06 ? 10  DG  A C2    1 
ATOM   200 N  N2    . DG  A 1 10 ? 7.199   -13.499 0.811   1.00 23.00 ? 10  DG  A N2    1 
ATOM   201 N  N3    . DG  A 1 10 ? 8.020   -12.106 2.394   1.00 26.77 ? 10  DG  A N3    1 
ATOM   202 C  C4    . DG  A 1 10 ? 8.698   -10.954 2.566   1.00 27.92 ? 10  DG  A C4    1 
ATOM   203 P  P     . DC  A 1 11 ? 9.605   -12.944 8.789   1.00 47.96 ? 11  DC  A P     1 
ATOM   204 O  OP1   . DC  A 1 11 ? 9.401   -13.141 10.251  1.00 52.99 ? 11  DC  A OP1   1 
ATOM   205 O  OP2   . DC  A 1 11 ? 10.960  -12.643 8.275   1.00 45.50 ? 11  DC  A OP2   1 
ATOM   206 O  "O5'" . DC  A 1 11 ? 9.023   -14.208 8.041   1.00 44.19 ? 11  DC  A "O5'" 1 
ATOM   207 C  "C5'" . DC  A 1 11 ? 7.627   -14.432 8.090   1.00 41.19 ? 11  DC  A "C5'" 1 
ATOM   208 C  "C4'" . DC  A 1 11 ? 7.214   -15.383 6.999   1.00 43.28 ? 11  DC  A "C4'" 1 
ATOM   209 O  "O4'" . DC  A 1 11 ? 7.666   -14.895 5.708   1.00 41.18 ? 11  DC  A "O4'" 1 
ATOM   210 C  "C3'" . DC  A 1 11 ? 7.810   -16.780 7.115   1.00 41.88 ? 11  DC  A "C3'" 1 
ATOM   211 O  "O3'" . DC  A 1 11 ? 6.792   -17.732 6.794   1.00 46.23 ? 11  DC  A "O3'" 1 
ATOM   212 C  "C2'" . DC  A 1 11 ? 8.972   -16.798 6.125   1.00 40.39 ? 11  DC  A "C2'" 1 
ATOM   213 C  "C1'" . DC  A 1 11 ? 8.557   -15.840 5.058   1.00 35.44 ? 11  DC  A "C1'" 1 
ATOM   214 N  N1    . DC  A 1 11 ? 9.593   -15.046 4.427   1.00 30.62 ? 11  DC  A N1    1 
ATOM   215 C  C2    . DC  A 1 11 ? 9.676   -15.004 3.039   1.00 25.55 ? 11  DC  A C2    1 
ATOM   216 O  O2    . DC  A 1 11 ? 8.903   -15.716 2.371   1.00 27.88 ? 11  DC  A O2    1 
ATOM   217 N  N3    . DC  A 1 11 ? 10.592  -14.219 2.449   1.00 21.06 ? 11  DC  A N3    1 
ATOM   218 C  C4    . DC  A 1 11 ? 11.400  -13.479 3.197   1.00 23.48 ? 11  DC  A C4    1 
ATOM   219 N  N4    . DC  A 1 11 ? 12.298  -12.716 2.585   1.00 23.54 ? 11  DC  A N4    1 
ATOM   220 C  C5    . DC  A 1 11 ? 11.325  -13.484 4.618   1.00 28.07 ? 11  DC  A C5    1 
ATOM   221 C  C6    . DC  A 1 11 ? 10.407  -14.269 5.185   1.00 27.23 ? 11  DC  A C6    1 
ATOM   222 P  P     . DG  A 1 12 ? 7.057   -19.296 7.050   1.00 50.53 ? 12  DG  A P     1 
ATOM   223 O  OP1   . DG  A 1 12 ? 5.747   -20.010 6.925   1.00 46.94 ? 12  DG  A OP1   1 
ATOM   224 O  OP2   . DG  A 1 12 ? 7.867   -19.397 8.298   1.00 51.52 ? 12  DG  A OP2   1 
ATOM   225 O  "O5'" . DG  A 1 12 ? 8.027   -19.724 5.852   1.00 50.03 ? 12  DG  A "O5'" 1 
ATOM   226 C  "C5'" . DG  A 1 12 ? 7.494   -19.995 4.556   1.00 42.93 ? 12  DG  A "C5'" 1 
ATOM   227 C  "C4'" . DG  A 1 12 ? 8.518   -20.727 3.727   1.00 41.97 ? 12  DG  A "C4'" 1 
ATOM   228 O  "O4'" . DG  A 1 12 ? 9.463   -19.795 3.162   1.00 36.07 ? 12  DG  A "O4'" 1 
ATOM   229 C  "C3'" . DG  A 1 12 ? 9.334   -21.761 4.501   1.00 39.18 ? 12  DG  A "C3'" 1 
ATOM   230 O  "O3'" . DG  A 1 12 ? 9.436   -22.973 3.779   1.00 41.82 ? 12  DG  A "O3'" 1 
ATOM   231 C  "C2'" . DG  A 1 12 ? 10.701  -21.111 4.642   1.00 37.16 ? 12  DG  A "C2'" 1 
ATOM   232 C  "C1'" . DG  A 1 12 ? 10.792  -20.213 3.422   1.00 34.05 ? 12  DG  A "C1'" 1 
ATOM   233 N  N9    . DG  A 1 12 ? 11.587  -19.017 3.623   1.00 31.30 ? 12  DG  A N9    1 
ATOM   234 C  C8    . DG  A 1 12 ? 11.877  -18.423 4.825   1.00 28.82 ? 12  DG  A C8    1 
ATOM   235 N  N7    . DG  A 1 12 ? 12.607  -17.353 4.708   1.00 30.89 ? 12  DG  A N7    1 
ATOM   236 C  C5    . DG  A 1 12 ? 12.811  -17.227 3.341   1.00 32.78 ? 12  DG  A C5    1 
ATOM   237 C  C6    . DG  A 1 12 ? 13.532  -16.249 2.603   1.00 33.03 ? 12  DG  A C6    1 
ATOM   238 O  O6    . DG  A 1 12 ? 14.155  -15.269 3.018   1.00 35.92 ? 12  DG  A O6    1 
ATOM   239 N  N1    . DG  A 1 12 ? 13.484  -16.501 1.237   1.00 36.34 ? 12  DG  A N1    1 
ATOM   240 C  C2    . DG  A 1 12 ? 12.830  -17.553 0.651   1.00 34.07 ? 12  DG  A C2    1 
ATOM   241 N  N2    . DG  A 1 12 ? 12.917  -17.612 -0.687  1.00 34.74 ? 12  DG  A N2    1 
ATOM   242 N  N3    . DG  A 1 12 ? 12.151  -18.474 1.326   1.00 33.35 ? 12  DG  A N3    1 
ATOM   243 C  C4    . DG  A 1 12 ? 12.185  -18.250 2.661   1.00 29.79 ? 12  DG  A C4    1 
ATOM   244 O  "O5'" . DC  B 1 1  ? 18.428  -11.313 -4.361  1.00 50.56 ? 13  DC  B "O5'" 1 
ATOM   245 C  "C5'" . DC  B 1 1  ? 18.704  -12.368 -5.298  1.00 45.78 ? 13  DC  B "C5'" 1 
ATOM   246 C  "C4'" . DC  B 1 1  ? 17.589  -13.369 -5.520  1.00 43.82 ? 13  DC  B "C4'" 1 
ATOM   247 O  "O4'" . DC  B 1 1  ? 17.299  -14.130 -4.326  1.00 43.23 ? 13  DC  B "O4'" 1 
ATOM   248 C  "C3'" . DC  B 1 1  ? 16.245  -12.796 -5.972  1.00 41.35 ? 13  DC  B "C3'" 1 
ATOM   249 O  "O3'" . DC  B 1 1  ? 15.786  -13.573 -7.074  1.00 41.65 ? 13  DC  B "O3'" 1 
ATOM   250 C  "C2'" . DC  B 1 1  ? 15.358  -12.873 -4.745  1.00 38.84 ? 13  DC  B "C2'" 1 
ATOM   251 C  "C1'" . DC  B 1 1  ? 15.910  -14.036 -3.993  1.00 39.71 ? 13  DC  B "C1'" 1 
ATOM   252 N  N1    . DC  B 1 1  ? 15.828  -13.932 -2.554  1.00 37.67 ? 13  DC  B N1    1 
ATOM   253 C  C2    . DC  B 1 1  ? 14.911  -14.702 -1.859  1.00 33.83 ? 13  DC  B C2    1 
ATOM   254 O  O2    . DC  B 1 1  ? 14.150  -15.447 -2.488  1.00 31.97 ? 13  DC  B O2    1 
ATOM   255 N  N3    . DC  B 1 1  ? 14.871  -14.618 -0.513  1.00 32.24 ? 13  DC  B N3    1 
ATOM   256 C  C4    . DC  B 1 1  ? 15.707  -13.803 0.134   1.00 33.69 ? 13  DC  B C4    1 
ATOM   257 N  N4    . DC  B 1 1  ? 15.631  -13.745 1.459   1.00 36.75 ? 13  DC  B N4    1 
ATOM   258 C  C5    . DC  B 1 1  ? 16.653  -13.014 -0.546  1.00 36.75 ? 13  DC  B C5    1 
ATOM   259 C  C6    . DC  B 1 1  ? 16.685  -13.107 -1.880  1.00 38.75 ? 13  DC  B C6    1 
ATOM   260 P  P     . DG  B 1 2  ? 14.571  -13.052 -7.980  1.00 45.08 ? 14  DG  B P     1 
ATOM   261 O  OP1   . DG  B 1 2  ? 14.956  -13.291 -9.385  1.00 48.12 ? 14  DG  B OP1   1 
ATOM   262 O  OP2   . DG  B 1 2  ? 14.190  -11.681 -7.539  1.00 43.80 ? 14  DG  B OP2   1 
ATOM   263 O  "O5'" . DG  B 1 2  ? 13.373  -14.015 -7.567  1.00 45.52 ? 14  DG  B "O5'" 1 
ATOM   264 C  "C5'" . DG  B 1 2  ? 13.449  -15.407 -7.843  1.00 41.28 ? 14  DG  B "C5'" 1 
ATOM   265 C  "C4'" . DG  B 1 2  ? 12.266  -16.137 -7.253  1.00 38.29 ? 14  DG  B "C4'" 1 
ATOM   266 O  "O4'" . DG  B 1 2  ? 12.242  -16.012 -5.815  1.00 36.92 ? 14  DG  B "O4'" 1 
ATOM   267 C  "C3'" . DG  B 1 2  ? 10.904  -15.667 -7.739  1.00 36.32 ? 14  DG  B "C3'" 1 
ATOM   268 O  "O3'" . DG  B 1 2  ? 10.157  -16.798 -8.172  1.00 35.93 ? 14  DG  B "O3'" 1 
ATOM   269 C  "C2'" . DG  B 1 2  ? 10.290  -14.934 -6.553  1.00 32.87 ? 14  DG  B "C2'" 1 
ATOM   270 C  "C1'" . DG  B 1 2  ? 10.975  -15.537 -5.351  1.00 30.44 ? 14  DG  B "C1'" 1 
ATOM   271 N  N9    . DG  B 1 2  ? 11.240  -14.589 -4.285  1.00 27.43 ? 14  DG  B N9    1 
ATOM   272 C  C8    . DG  B 1 2  ? 11.864  -13.381 -4.401  1.00 22.39 ? 14  DG  B C8    1 
ATOM   273 N  N7    . DG  B 1 2  ? 11.985  -12.756 -3.270  1.00 21.22 ? 14  DG  B N7    1 
ATOM   274 C  C5    . DG  B 1 2  ? 11.403  -13.613 -2.344  1.00 27.64 ? 14  DG  B C5    1 
ATOM   275 C  C6    . DG  B 1 2  ? 11.225  -13.489 -0.930  1.00 24.22 ? 14  DG  B C6    1 
ATOM   276 O  O6    . DG  B 1 2  ? 11.561  -12.561 -0.192  1.00 30.13 ? 14  DG  B O6    1 
ATOM   277 N  N1    . DG  B 1 2  ? 10.586  -14.591 -0.394  1.00 25.78 ? 14  DG  B N1    1 
ATOM   278 C  C2    . DG  B 1 2  ? 10.170  -15.674 -1.102  1.00 29.26 ? 14  DG  B C2    1 
ATOM   279 N  N2    . DG  B 1 2  ? 9.576   -16.640 -0.408  1.00 31.45 ? 14  DG  B N2    1 
ATOM   280 N  N3    . DG  B 1 2  ? 10.320  -15.812 -2.398  1.00 30.33 ? 14  DG  B N3    1 
ATOM   281 C  C4    . DG  B 1 2  ? 10.940  -14.750 -2.954  1.00 29.87 ? 14  DG  B C4    1 
ATOM   282 P  P     . DC  B 1 3  ? 8.703   -16.601 -8.804  1.00 31.85 ? 15  DC  B P     1 
ATOM   283 O  OP1   . DC  B 1 3  ? 8.426   -17.834 -9.581  1.00 35.76 ? 15  DC  B OP1   1 
ATOM   284 O  OP2   . DC  B 1 3  ? 8.649   -15.270 -9.448  1.00 33.62 ? 15  DC  B OP2   1 
ATOM   285 O  "O5'" . DC  B 1 3  ? 7.752   -16.619 -7.532  1.00 30.75 ? 15  DC  B "O5'" 1 
ATOM   286 C  "C5'" . DC  B 1 3  ? 7.685   -17.805 -6.756  1.00 26.48 ? 15  DC  B "C5'" 1 
ATOM   287 C  "C4'" . DC  B 1 3  ? 6.883   -17.590 -5.497  1.00 25.68 ? 15  DC  B "C4'" 1 
ATOM   288 O  "O4'" . DC  B 1 3  ? 7.515   -16.633 -4.625  1.00 24.10 ? 15  DC  B "O4'" 1 
ATOM   289 C  "C3'" . DC  B 1 3  ? 5.473   -17.080 -5.707  1.00 25.28 ? 15  DC  B "C3'" 1 
ATOM   290 O  "O3'" . DC  B 1 3  ? 4.567   -18.125 -5.457  1.00 29.79 ? 15  DC  B "O3'" 1 
ATOM   291 C  "C2'" . DC  B 1 3  ? 5.324   -15.863 -4.806  1.00 22.86 ? 15  DC  B "C2'" 1 
ATOM   292 C  "C1'" . DC  B 1 3  ? 6.547   -15.834 -3.949  1.00 18.27 ? 15  DC  B "C1'" 1 
ATOM   293 N  N1    . DC  B 1 3  ? 7.120   -14.491 -3.841  1.00 20.49 ? 15  DC  B N1    1 
ATOM   294 C  C2    . DC  B 1 3  ? 7.369   -13.946 -2.593  1.00 16.77 ? 15  DC  B C2    1 
ATOM   295 O  O2    . DC  B 1 3  ? 7.073   -14.593 -1.593  1.00 22.05 ? 15  DC  B O2    1 
ATOM   296 N  N3    . DC  B 1 3  ? 7.920   -12.718 -2.508  1.00 20.71 ? 15  DC  B N3    1 
ATOM   297 C  C4    . DC  B 1 3  ? 8.227   -12.041 -3.617  1.00 19.10 ? 15  DC  B C4    1 
ATOM   298 N  N4    . DC  B 1 3  ? 8.770   -10.820 -3.484  1.00 19.92 ? 15  DC  B N4    1 
ATOM   299 C  C5    . DC  B 1 3  ? 7.991   -12.575 -4.901  1.00 15.48 ? 15  DC  B C5    1 
ATOM   300 C  C6    . DC  B 1 3  ? 7.449   -13.795 -4.969  1.00 18.29 ? 15  DC  B C6    1 
ATOM   301 P  P     . DG  B 1 4  ? 3.036   -17.981 -5.909  1.00 27.76 ? 16  DG  B P     1 
ATOM   302 O  OP1   . DG  B 1 4  ? 2.720   -19.284 -6.557  1.00 35.70 ? 16  DG  B OP1   1 
ATOM   303 O  OP2   . DG  B 1 4  ? 2.816   -16.718 -6.648  1.00 28.82 ? 16  DG  B OP2   1 
ATOM   304 O  "O5'" . DG  B 1 4  ? 2.273   -17.851 -4.524  1.00 30.39 ? 16  DG  B "O5'" 1 
ATOM   305 C  "C5'" . DG  B 1 4  ? 2.502   -18.820 -3.508  1.00 26.44 ? 16  DG  B "C5'" 1 
ATOM   306 C  "C4'" . DG  B 1 4  ? 2.147   -18.236 -2.167  1.00 25.31 ? 16  DG  B "C4'" 1 
ATOM   307 O  "O4'" . DG  B 1 4  ? 2.934   -17.042 -1.941  1.00 22.24 ? 16  DG  B "O4'" 1 
ATOM   308 C  "C3'" . DG  B 1 4  ? 0.693   -17.799 -2.038  1.00 26.99 ? 16  DG  B "C3'" 1 
ATOM   309 O  "O3'" . DG  B 1 4  ? 0.178   -18.318 -0.805  1.00 35.72 ? 16  DG  B "O3'" 1 
ATOM   310 C  "C2'" . DG  B 1 4  ? 0.735   -16.284 -2.154  1.00 24.79 ? 16  DG  B "C2'" 1 
ATOM   311 C  "C1'" . DG  B 1 4  ? 2.101   -15.923 -1.644  1.00 22.73 ? 16  DG  B "C1'" 1 
ATOM   312 N  N9    . DG  B 1 4  ? 2.715   -14.752 -2.266  1.00 19.41 ? 16  DG  B N9    1 
ATOM   313 C  C8    . DG  B 1 4  ? 2.778   -14.468 -3.605  1.00 13.90 ? 16  DG  B C8    1 
ATOM   314 N  N7    . DG  B 1 4  ? 3.412   -13.363 -3.872  1.00 16.38 ? 16  DG  B N7    1 
ATOM   315 C  C5    . DG  B 1 4  ? 3.800   -12.885 -2.633  1.00 16.32 ? 16  DG  B C5    1 
ATOM   316 C  C6    . DG  B 1 4  ? 4.521   -11.724 -2.291  1.00 17.11 ? 16  DG  B C6    1 
ATOM   317 O  O6    . DG  B 1 4  ? 4.974   -10.853 -3.032  1.00 21.82 ? 16  DG  B O6    1 
ATOM   318 N  N1    . DG  B 1 4  ? 4.703   -11.628 -0.918  1.00 19.30 ? 16  DG  B N1    1 
ATOM   319 C  C2    . DG  B 1 4  ? 4.244   -12.533 -0.002  1.00 19.96 ? 16  DG  B C2    1 
ATOM   320 N  N2    . DG  B 1 4  ? 4.527   -12.264 1.288   1.00 23.51 ? 16  DG  B N2    1 
ATOM   321 N  N3    . DG  B 1 4  ? 3.569   -13.619 -0.309  1.00 19.66 ? 16  DG  B N3    1 
ATOM   322 C  C4    . DG  B 1 4  ? 3.383   -13.736 -1.630  1.00 18.55 ? 16  DG  B C4    1 
ATOM   323 P  P     . DA  B 1 5  ? -1.154  -17.697 -0.149  1.00 39.88 ? 17  DA  B P     1 
ATOM   324 O  OP1   . DA  B 1 5  ? -1.785  -18.699 0.760   1.00 43.58 ? 17  DA  B OP1   1 
ATOM   325 O  OP2   . DA  B 1 5  ? -1.939  -17.089 -1.253  1.00 43.74 ? 17  DA  B OP2   1 
ATOM   326 O  "O5'" . DA  B 1 5  ? -0.581  -16.521 0.756   1.00 40.42 ? 17  DA  B "O5'" 1 
ATOM   327 C  "C5'" . DA  B 1 5  ? 0.223   -16.816 1.885   1.00 36.68 ? 17  DA  B "C5'" 1 
ATOM   328 C  "C4'" . DA  B 1 5  ? 0.238   -15.612 2.783   1.00 36.42 ? 17  DA  B "C4'" 1 
ATOM   329 O  "O4'" . DA  B 1 5  ? 0.904   -14.562 2.052   1.00 37.98 ? 17  DA  B "O4'" 1 
ATOM   330 C  "C3'" . DA  B 1 5  ? -1.169  -15.112 3.096   1.00 39.44 ? 17  DA  B "C3'" 1 
ATOM   331 O  "O3'" . DA  B 1 5  ? -1.289  -14.743 4.477   1.00 45.42 ? 17  DA  B "O3'" 1 
ATOM   332 C  "C2'" . DA  B 1 5  ? -1.358  -13.950 2.147   1.00 36.40 ? 17  DA  B "C2'" 1 
ATOM   333 C  "C1'" . DA  B 1 5  ? 0.068   -13.450 1.934   1.00 33.61 ? 17  DA  B "C1'" 1 
ATOM   334 N  N9    . DA  B 1 5  ? 0.211   -12.869 0.586   1.00 30.12 ? 17  DA  B N9    1 
ATOM   335 C  C8    . DA  B 1 5  ? -0.341  -13.344 -0.569  1.00 26.15 ? 17  DA  B C8    1 
ATOM   336 N  N7    . DA  B 1 5  ? -0.097  -12.606 -1.616  1.00 22.41 ? 17  DA  B N7    1 
ATOM   337 C  C5    . DA  B 1 5  ? 0.649   -11.554 -1.118  1.00 22.16 ? 17  DA  B C5    1 
ATOM   338 C  C6    . DA  B 1 5  ? 1.217   -10.417 -1.734  1.00 23.51 ? 17  DA  B C6    1 
ATOM   339 N  N6    . DA  B 1 5  ? 1.109   -10.155 -3.042  1.00 22.25 ? 17  DA  B N6    1 
ATOM   340 N  N1    . DA  B 1 5  ? 1.909   -9.553  -0.954  1.00 23.43 ? 17  DA  B N1    1 
ATOM   341 C  C2    . DA  B 1 5  ? 2.015   -9.821  0.357   1.00 23.71 ? 17  DA  B C2    1 
ATOM   342 N  N3    . DA  B 1 5  ? 1.522   -10.857 1.051   1.00 27.68 ? 17  DA  B N3    1 
ATOM   343 C  C4    . DA  B 1 5  ? 0.844   -11.692 0.243   1.00 25.53 ? 17  DA  B C4    1 
ATOM   344 P  P     . DA  B 1 6  ? -2.554  -13.894 4.966   1.00 50.24 ? 18  DA  B P     1 
ATOM   345 O  OP1   . DA  B 1 6  ? -2.728  -14.160 6.409   1.00 54.56 ? 18  DA  B OP1   1 
ATOM   346 O  OP2   . DA  B 1 6  ? -3.695  -14.111 4.024   1.00 49.83 ? 18  DA  B OP2   1 
ATOM   347 O  "O5'" . DA  B 1 6  ? -2.086  -12.380 4.780   1.00 45.46 ? 18  DA  B "O5'" 1 
ATOM   348 C  "C5'" . DA  B 1 6  ? -0.973  -11.876 5.510   1.00 37.71 ? 18  DA  B "C5'" 1 
ATOM   349 C  "C4'" . DA  B 1 6  ? -0.895  -10.372 5.393   1.00 35.45 ? 18  DA  B "C4'" 1 
ATOM   350 O  "O4'" . DA  B 1 6  ? -0.611  -10.004 4.023   1.00 32.30 ? 18  DA  B "O4'" 1 
ATOM   351 C  "C3'" . DA  B 1 6  ? -2.169  -9.611  5.768   1.00 37.11 ? 18  DA  B "C3'" 1 
ATOM   352 O  "O3'" . DA  B 1 6  ? -1.851  -8.525  6.641   1.00 40.27 ? 18  DA  B "O3'" 1 
ATOM   353 C  "C2'" . DA  B 1 6  ? -2.748  -9.153  4.443   1.00 31.91 ? 18  DA  B "C2'" 1 
ATOM   354 C  "C1'" . DA  B 1 6  ? -1.535  -9.031  3.553   1.00 28.12 ? 18  DA  B "C1'" 1 
ATOM   355 N  N9    . DA  B 1 6  ? -1.805  -9.333  2.173   1.00 24.01 ? 18  DA  B N9    1 
ATOM   356 C  C8    . DA  B 1 6  ? -2.487  -10.405 1.674   1.00 19.85 ? 18  DA  B C8    1 
ATOM   357 N  N7    . DA  B 1 6  ? -2.565  -10.427 0.373   1.00 18.21 ? 18  DA  B N7    1 
ATOM   358 C  C5    . DA  B 1 6  ? -1.884  -9.284  -0.021  1.00 19.64 ? 18  DA  B C5    1 
ATOM   359 C  C6    . DA  B 1 6  ? -1.604  -8.734  -1.288  1.00 18.37 ? 18  DA  B C6    1 
ATOM   360 N  N6    . DA  B 1 6  ? -1.999  -9.290  -2.430  1.00 19.40 ? 18  DA  B N6    1 
ATOM   361 N  N1    . DA  B 1 6  ? -0.900  -7.588  -1.333  1.00 19.52 ? 18  DA  B N1    1 
ATOM   362 C  C2    . DA  B 1 6  ? -0.502  -7.031  -0.177  1.00 23.07 ? 18  DA  B C2    1 
ATOM   363 N  N3    . DA  B 1 6  ? -0.698  -7.449  1.079   1.00 25.41 ? 18  DA  B N3    1 
ATOM   364 C  C4    . DA  B 1 6  ? -1.408  -8.599  1.084   1.00 23.04 ? 18  DA  B C4    1 
ATOM   365 P  P     . DT  B 1 7  ? -2.982  -7.473  7.055   1.00 38.45 ? 19  DT  B P     1 
ATOM   366 O  OP1   . DT  B 1 7  ? -2.583  -6.878  8.356   1.00 38.19 ? 19  DT  B OP1   1 
ATOM   367 O  OP2   . DT  B 1 7  ? -4.307  -8.108  6.888   1.00 36.89 ? 19  DT  B OP2   1 
ATOM   368 O  "O5'" . DT  B 1 7  ? -2.852  -6.365  5.938   1.00 35.70 ? 19  DT  B "O5'" 1 
ATOM   369 C  "C5'" . DT  B 1 7  ? -1.602  -5.732  5.776   1.00 26.91 ? 19  DT  B "C5'" 1 
ATOM   370 C  "C4'" . DT  B 1 7  ? -1.688  -4.665  4.725   1.00 26.97 ? 19  DT  B "C4'" 1 
ATOM   371 O  "O4'" . DT  B 1 7  ? -1.860  -5.301  3.442   1.00 25.46 ? 19  DT  B "O4'" 1 
ATOM   372 C  "C3'" . DT  B 1 7  ? -2.842  -3.678  4.907   1.00 27.50 ? 19  DT  B "C3'" 1 
ATOM   373 O  "O3'" . DT  B 1 7  ? -2.260  -2.384  5.142   1.00 29.18 ? 19  DT  B "O3'" 1 
ATOM   374 C  "C2'" . DT  B 1 7  ? -3.654  -3.831  3.625   1.00 23.95 ? 19  DT  B "C2'" 1 
ATOM   375 C  "C1'" . DT  B 1 7  ? -2.653  -4.482  2.642   1.00 24.38 ? 19  DT  B "C1'" 1 
ATOM   376 N  N1    . DT  B 1 7  ? -3.297  -5.335  1.622   1.00 20.37 ? 19  DT  B N1    1 
ATOM   377 C  C2    . DT  B 1 7  ? -3.214  -4.983  0.299   1.00 21.47 ? 19  DT  B C2    1 
ATOM   378 O  O2    . DT  B 1 7  ? -2.615  -4.014  -0.095  1.00 21.32 ? 19  DT  B O2    1 
ATOM   379 N  N3    . DT  B 1 7  ? -3.862  -5.821  -0.548  1.00 19.84 ? 19  DT  B N3    1 
ATOM   380 C  C4    . DT  B 1 7  ? -4.578  -6.944  -0.225  1.00 18.43 ? 19  DT  B C4    1 
ATOM   381 O  O4    . DT  B 1 7  ? -5.102  -7.595  -1.106  1.00 18.10 ? 19  DT  B O4    1 
ATOM   382 C  C5    . DT  B 1 7  ? -4.636  -7.256  1.178   1.00 22.02 ? 19  DT  B C5    1 
ATOM   383 C  C7    . DT  B 1 7  ? -5.398  -8.460  1.634   1.00 25.34 ? 19  DT  B C7    1 
ATOM   384 C  C6    . DT  B 1 7  ? -4.000  -6.442  2.022   1.00 21.77 ? 19  DT  B C6    1 
ATOM   385 P  P     . DT  B 1 8  ? -3.182  -1.119  5.471   1.00 31.18 ? 20  DT  B P     1 
ATOM   386 O  OP1   . DT  B 1 8  ? -2.301  -0.197  6.224   1.00 30.84 ? 20  DT  B OP1   1 
ATOM   387 O  OP2   . DT  B 1 8  ? -4.472  -1.561  6.047   1.00 31.82 ? 20  DT  B OP2   1 
ATOM   388 O  "O5'" . DT  B 1 8  ? -3.538  -0.507  4.043   1.00 33.64 ? 20  DT  B "O5'" 1 
ATOM   389 C  "C5'" . DT  B 1 8  ? -2.486  -0.086  3.169   1.00 29.55 ? 20  DT  B "C5'" 1 
ATOM   390 C  "C4'" . DT  B 1 8  ? -3.034  0.418   1.856   1.00 22.12 ? 20  DT  B "C4'" 1 
ATOM   391 O  "O4'" . DT  B 1 8  ? -3.499  -0.638  0.987   1.00 20.68 ? 20  DT  B "O4'" 1 
ATOM   392 C  "C3'" . DT  B 1 8  ? -4.174  1.416   1.932   1.00 21.95 ? 20  DT  B "C3'" 1 
ATOM   393 O  "O3'" . DT  B 1 8  ? -3.718  2.613   1.335   1.00 28.72 ? 20  DT  B "O3'" 1 
ATOM   394 C  "C2'" . DT  B 1 8  ? -5.339  0.755   1.198   1.00 21.48 ? 20  DT  B "C2'" 1 
ATOM   395 C  "C1'" . DT  B 1 8  ? -4.689  -0.231  0.281   1.00 21.25 ? 20  DT  B "C1'" 1 
ATOM   396 N  N1    . DT  B 1 8  ? -5.422  -1.453  0.014   1.00 22.92 ? 20  DT  B N1    1 
ATOM   397 C  C2    . DT  B 1 8  ? -5.550  -1.896  -1.290  1.00 22.09 ? 20  DT  B C2    1 
ATOM   398 O  O2    . DT  B 1 8  ? -5.123  -1.288  -2.250  1.00 24.04 ? 20  DT  B O2    1 
ATOM   399 N  N3    . DT  B 1 8  ? -6.215  -3.086  -1.423  1.00 22.53 ? 20  DT  B N3    1 
ATOM   400 C  C4    . DT  B 1 8  ? -6.744  -3.866  -0.408  1.00 22.66 ? 20  DT  B C4    1 
ATOM   401 O  O4    . DT  B 1 8  ? -7.321  -4.911  -0.679  1.00 23.03 ? 20  DT  B O4    1 
ATOM   402 C  C5    . DT  B 1 8  ? -6.561  -3.350  0.929   1.00 19.11 ? 20  DT  B C5    1 
ATOM   403 C  C7    . DT  B 1 8  ? -7.096  -4.137  2.083   1.00 19.05 ? 20  DT  B C7    1 
ATOM   404 C  C6    . DT  B 1 8  ? -5.913  -2.193  1.076   1.00 19.55 ? 20  DT  B C6    1 
ATOM   405 P  P     . DC  B 1 9  ? -4.668  3.899   1.269   1.00 29.30 ? 21  DC  B P     1 
ATOM   406 O  OP1   . DC  B 1 9  ? -3.745  5.069   1.285   1.00 34.89 ? 21  DC  B OP1   1 
ATOM   407 O  OP2   . DC  B 1 9  ? -5.766  3.794   2.265   1.00 35.61 ? 21  DC  B OP2   1 
ATOM   408 O  "O5'" . DC  B 1 9  ? -5.366  3.764   -0.147  1.00 30.72 ? 21  DC  B "O5'" 1 
ATOM   409 C  "C5'" . DC  B 1 9  ? -4.568  3.714   -1.317  1.00 23.65 ? 21  DC  B "C5'" 1 
ATOM   410 C  "C4'" . DC  B 1 9  ? -5.433  3.505   -2.527  1.00 21.22 ? 21  DC  B "C4'" 1 
ATOM   411 O  "O4'" . DC  B 1 9  ? -6.035  2.199   -2.479  1.00 20.78 ? 21  DC  B "O4'" 1 
ATOM   412 C  "C3'" . DC  B 1 9  ? -6.602  4.470   -2.646  1.00 23.41 ? 21  DC  B "C3'" 1 
ATOM   413 O  "O3'" . DC  B 1 9  ? -6.478  5.212   -3.862  1.00 29.77 ? 21  DC  B "O3'" 1 
ATOM   414 C  "C2'" . DC  B 1 9  ? -7.860  3.610   -2.551  1.00 23.91 ? 21  DC  B "C2'" 1 
ATOM   415 C  "C1'" . DC  B 1 9  ? -7.410  2.255   -2.957  1.00 22.06 ? 21  DC  B "C1'" 1 
ATOM   416 N  N1    . DC  B 1 9  ? -8.063  1.056   -2.422  1.00 25.07 ? 21  DC  B N1    1 
ATOM   417 C  C2    . DC  B 1 9  ? -8.398  0.009   -3.291  1.00 23.06 ? 21  DC  B C2    1 
ATOM   418 O  O2    . DC  B 1 9  ? -8.212  0.150   -4.507  1.00 25.28 ? 21  DC  B O2    1 
ATOM   419 N  N3    . DC  B 1 9  ? -8.926  -1.129  -2.794  1.00 22.50 ? 21  DC  B N3    1 
ATOM   420 C  C4    . DC  B 1 9  ? -9.110  -1.255  -1.490  1.00 23.21 ? 21  DC  B C4    1 
ATOM   421 N  N4    . DC  B 1 9  ? -9.639  -2.389  -1.054  1.00 22.75 ? 21  DC  B N4    1 
ATOM   422 C  C5    . DC  B 1 9  ? -8.760  -0.217  -0.574  1.00 26.18 ? 21  DC  B C5    1 
ATOM   423 C  C6    . DC  B 1 9  ? -8.236  0.907   -1.078  1.00 27.44 ? 21  DC  B C6    1 
ATOM   424 P  P     . DG  B 1 10 ? -7.322  6.565   -4.074  1.00 33.67 ? 22  DG  B P     1 
ATOM   425 O  OP1   . DG  B 1 10 ? -6.521  7.481   -4.927  1.00 34.98 ? 22  DG  B OP1   1 
ATOM   426 O  OP2   . DG  B 1 10 ? -7.853  7.024   -2.765  1.00 35.81 ? 22  DG  B OP2   1 
ATOM   427 O  "O5'" . DG  B 1 10 ? -8.550  6.083   -4.932  1.00 31.15 ? 22  DG  B "O5'" 1 
ATOM   428 C  "C5'" . DG  B 1 10 ? -8.301  5.490   -6.184  1.00 29.10 ? 22  DG  B "C5'" 1 
ATOM   429 C  "C4'" . DG  B 1 10 ? -9.541  4.809   -6.688  1.00 25.84 ? 22  DG  B "C4'" 1 
ATOM   430 O  "O4'" . DG  B 1 10 ? -9.918  3.681   -5.889  1.00 25.75 ? 22  DG  B "O4'" 1 
ATOM   431 C  "C3'" . DG  B 1 10 ? -10.773 5.689   -6.714  1.00 26.26 ? 22  DG  B "C3'" 1 
ATOM   432 O  "O3'" . DG  B 1 10 ? -11.197 5.595   -8.065  1.00 35.52 ? 22  DG  B "O3'" 1 
ATOM   433 C  "C2'" . DG  B 1 10 ? -11.712 5.125   -5.652  1.00 23.38 ? 22  DG  B "C2'" 1 
ATOM   434 C  "C1'" . DG  B 1 10 ? -11.345 3.676   -5.644  1.00 22.72 ? 22  DG  B "C1'" 1 
ATOM   435 N  N9    . DG  B 1 10 ? -11.530 2.931   -4.409  1.00 19.49 ? 22  DG  B N9    1 
ATOM   436 C  C8    . DG  B 1 10 ? -11.258 3.351   -3.122  1.00 17.94 ? 22  DG  B C8    1 
ATOM   437 N  N7    . DG  B 1 10 ? -11.464 2.421   -2.226  1.00 18.33 ? 22  DG  B N7    1 
ATOM   438 C  C5    . DG  B 1 10 ? -11.879 1.316   -2.970  1.00 17.12 ? 22  DG  B C5    1 
ATOM   439 C  C6    . DG  B 1 10 ? -12.247 0.008   -2.564  1.00 19.43 ? 22  DG  B C6    1 
ATOM   440 O  O6    . DG  B 1 10 ? -12.289 -0.462  -1.436  1.00 21.66 ? 22  DG  B O6    1 
ATOM   441 N  N1    . DG  B 1 10 ? -12.594 -0.786  -3.649  1.00 15.38 ? 22  DG  B N1    1 
ATOM   442 C  C2    . DG  B 1 10 ? -12.587 -0.386  -4.947  1.00 11.70 ? 22  DG  B C2    1 
ATOM   443 N  N2    . DG  B 1 10 ? -12.947 -1.290  -5.840  1.00 18.82 ? 22  DG  B N2    1 
ATOM   444 N  N3    . DG  B 1 10 ? -12.256 0.810   -5.344  1.00 14.22 ? 22  DG  B N3    1 
ATOM   445 C  C4    . DG  B 1 10 ? -11.910 1.610   -4.315  1.00 17.69 ? 22  DG  B C4    1 
ATOM   446 P  P     . DC  B 1 11 ? -12.338 6.538   -8.611  1.00 40.54 ? 23  DC  B P     1 
ATOM   447 O  OP1   . DC  B 1 11 ? -11.775 7.216   -9.795  1.00 44.83 ? 23  DC  B OP1   1 
ATOM   448 O  OP2   . DC  B 1 11 ? -12.890 7.334   -7.479  1.00 37.89 ? 23  DC  B OP2   1 
ATOM   449 O  "O5'" . DC  B 1 11 ? -13.409 5.477   -9.073  1.00 38.68 ? 23  DC  B "O5'" 1 
ATOM   450 C  "C5'" . DC  B 1 11 ? -13.043 4.523   -10.059 1.00 30.80 ? 23  DC  B "C5'" 1 
ATOM   451 C  "C4'" . DC  B 1 11 ? -14.071 3.426   -10.142 1.00 30.51 ? 23  DC  B "C4'" 1 
ATOM   452 O  "O4'" . DC  B 1 11 ? -13.999 2.644   -8.928  1.00 28.57 ? 23  DC  B "O4'" 1 
ATOM   453 C  "C3'" . DC  B 1 11 ? -15.501 3.957   -10.240 1.00 32.28 ? 23  DC  B "C3'" 1 
ATOM   454 O  "O3'" . DC  B 1 11 ? -16.141 3.609   -11.469 1.00 38.01 ? 23  DC  B "O3'" 1 
ATOM   455 C  "C2'" . DC  B 1 11 ? -16.189 3.467   -8.980  1.00 33.46 ? 23  DC  B "C2'" 1 
ATOM   456 C  "C1'" . DC  B 1 11 ? -15.290 2.364   -8.443  1.00 28.50 ? 23  DC  B "C1'" 1 
ATOM   457 N  N1    . DC  B 1 11 ? -15.254 2.421   -6.963  1.00 21.93 ? 23  DC  B N1    1 
ATOM   458 C  C2    . DC  B 1 11 ? -15.553 1.271   -6.236  1.00 19.74 ? 23  DC  B C2    1 
ATOM   459 O  O2    . DC  B 1 11 ? -15.808 0.226   -6.848  1.00 21.57 ? 23  DC  B O2    1 
ATOM   460 N  N3    . DC  B 1 11 ? -15.544 1.322   -4.872  1.00 18.34 ? 23  DC  B N3    1 
ATOM   461 C  C4    . DC  B 1 11 ? -15.267 2.479   -4.253  1.00 18.56 ? 23  DC  B C4    1 
ATOM   462 N  N4    . DC  B 1 11 ? -15.270 2.494   -2.931  1.00 18.76 ? 23  DC  B N4    1 
ATOM   463 C  C5    . DC  B 1 11 ? -14.964 3.673   -4.975  1.00 14.43 ? 23  DC  B C5    1 
ATOM   464 C  C6    . DC  B 1 11 ? -14.976 3.598   -6.313  1.00 18.60 ? 23  DC  B C6    1 
ATOM   465 P  P     . DG  B 1 12 ? -17.556 4.268   -11.833 1.00 41.43 ? 24  DG  B P     1 
ATOM   466 O  OP1   . DG  B 1 12 ? -17.650 4.398   -13.307 1.00 48.41 ? 24  DG  B OP1   1 
ATOM   467 O  OP2   . DG  B 1 12 ? -17.773 5.476   -10.974 1.00 39.63 ? 24  DG  B OP2   1 
ATOM   468 O  "O5'" . DG  B 1 12 ? -18.584 3.151   -11.351 1.00 38.46 ? 24  DG  B "O5'" 1 
ATOM   469 C  "C5'" . DG  B 1 12 ? -18.489 1.830   -11.869 1.00 34.92 ? 24  DG  B "C5'" 1 
ATOM   470 C  "C4'" . DG  B 1 12 ? -19.479 0.925   -11.175 1.00 36.01 ? 24  DG  B "C4'" 1 
ATOM   471 O  "O4'" . DG  B 1 12 ? -19.014 0.702   -9.813  1.00 35.43 ? 24  DG  B "O4'" 1 
ATOM   472 C  "C3'" . DG  B 1 12 ? -20.901 1.493   -11.117 1.00 32.69 ? 24  DG  B "C3'" 1 
ATOM   473 O  "O3'" . DG  B 1 12 ? -21.869 0.491   -11.325 1.00 38.34 ? 24  DG  B "O3'" 1 
ATOM   474 C  "C2'" . DG  B 1 12 ? -21.010 1.949   -9.688  1.00 36.47 ? 24  DG  B "C2'" 1 
ATOM   475 C  "C1'" . DG  B 1 12 ? -20.048 0.992   -8.941  1.00 32.74 ? 24  DG  B "C1'" 1 
ATOM   476 N  N9    . DG  B 1 12 ? -19.525 1.700   -7.772  1.00 27.12 ? 24  DG  B N9    1 
ATOM   477 C  C8    . DG  B 1 12 ? -19.039 2.974   -7.733  1.00 23.04 ? 24  DG  B C8    1 
ATOM   478 N  N7    . DG  B 1 12 ? -18.727 3.358   -6.530  1.00 25.50 ? 24  DG  B N7    1 
ATOM   479 C  C5    . DG  B 1 12 ? -19.047 2.278   -5.716  1.00 21.62 ? 24  DG  B C5    1 
ATOM   480 C  C6    . DG  B 1 12 ? -18.924 2.114   -4.316  1.00 20.73 ? 24  DG  B C6    1 
ATOM   481 O  O6    . DG  B 1 12 ? -18.498 2.910   -3.499  1.00 27.56 ? 24  DG  B O6    1 
ATOM   482 N  N1    . DG  B 1 12 ? -19.362 0.867   -3.900  1.00 19.14 ? 24  DG  B N1    1 
ATOM   483 C  C2    . DG  B 1 12 ? -19.863 -0.102  -4.731  1.00 19.85 ? 24  DG  B C2    1 
ATOM   484 N  N2    . DG  B 1 12 ? -20.234 -1.242  -4.152  1.00 20.38 ? 24  DG  B N2    1 
ATOM   485 N  N3    . DG  B 1 12 ? -19.984 0.034   -6.039  1.00 22.57 ? 24  DG  B N3    1 
ATOM   486 C  C4    . DG  B 1 12 ? -19.557 1.251   -6.463  1.00 23.44 ? 24  DG  B C4    1 
HETATM 487 MG MG    . MG  C 2 .  ? 0.030   -1.911  -14.216 1.00 29.25 ? 26  MG  A MG    1 
HETATM 488 C  C7    . D34 D 3 .  ? -3.366  0.732   -4.480  1.00 26.03 ? 25  D34 A C7    1 
HETATM 489 N  N2    . D34 D 3 .  ? -3.158  1.796   -5.292  1.00 30.30 ? 25  D34 A N2    1 
HETATM 490 N  N1    . D34 D 3 .  ? -4.364  -0.124  -4.723  1.00 21.51 ? 25  D34 A N1    1 
HETATM 491 C  C8    . D34 D 3 .  ? -3.419  1.889   -6.598  1.00 32.43 ? 25  D34 A C8    1 
HETATM 492 C  C9    . D34 D 3 .  ? -2.502  2.918   -7.198  1.00 31.56 ? 25  D34 A C9    1 
HETATM 493 C  C10   . D34 D 3 .  ? -3.722  3.810   -7.505  1.00 32.55 ? 25  D34 A C10   1 
HETATM 494 C  C11   . D34 D 3 .  ? -4.566  2.906   -6.719  1.00 32.13 ? 25  D34 A C11   1 
HETATM 495 C  C1    . D34 D 3 .  ? -0.774  0.267   -1.133  1.00 23.78 ? 25  D34 A C1    1 
HETATM 496 C  C2    . D34 D 3 .  ? -0.948  1.553   -1.618  1.00 23.24 ? 25  D34 A C2    1 
HETATM 497 C  C3    . D34 D 3 .  ? -1.800  1.698   -2.727  1.00 24.34 ? 25  D34 A C3    1 
HETATM 498 C  C4    . D34 D 3 .  ? -2.439  0.588   -3.318  1.00 23.76 ? 25  D34 A C4    1 
HETATM 499 C  C5    . D34 D 3 .  ? -2.233  -0.669  -2.822  1.00 24.99 ? 25  D34 A C5    1 
HETATM 500 C  C6    . D34 D 3 .  ? -1.382  -0.827  -1.715  1.00 24.69 ? 25  D34 A C6    1 
HETATM 501 C  CA    . D34 D 3 .  ? 0.000   0.000   0.000   1.00 24.61 ? 25  D34 A CA    1 
HETATM 502 O  O1    . D34 D 3 .  ? 0.086   -1.339  0.396   1.00 26.34 ? 25  D34 A O1    1 
HETATM 503 C  CB    . D34 D 3 .  ? 0.707   0.840   0.819   1.00 27.36 ? 25  D34 A CB    1 
HETATM 504 C  "CB'" . D34 D 3 .  ? 1.279   -0.018  1.835   1.00 28.93 ? 25  D34 A "CB'" 1 
HETATM 505 C  "CA'" . D34 D 3 .  ? 0.901   -1.317  1.560   1.00 28.56 ? 25  D34 A "CA'" 1 
HETATM 506 C  "C1'" . D34 D 3 .  ? 1.207   -2.543  2.244   1.00 27.51 ? 25  D34 A "C1'" 1 
HETATM 507 C  "C2'" . D34 D 3 .  ? 2.009   -2.608  3.401   1.00 29.58 ? 25  D34 A "C2'" 1 
HETATM 508 C  "C3'" . D34 D 3 .  ? 2.292   -3.853  4.034   1.00 30.17 ? 25  D34 A "C3'" 1 
HETATM 509 C  "C4'" . D34 D 3 .  ? 1.762   -5.024  3.479   1.00 31.12 ? 25  D34 A "C4'" 1 
HETATM 510 C  "C5'" . D34 D 3 .  ? 0.970   -4.933  2.331   1.00 31.24 ? 25  D34 A "C5'" 1 
HETATM 511 C  "C6'" . D34 D 3 .  ? 0.691   -3.701  1.722   1.00 29.78 ? 25  D34 A "C6'" 1 
HETATM 512 C  "C7'" . D34 D 3 .  ? 2.015   -6.388  3.993   1.00 31.30 ? 25  D34 A "C7'" 1 
HETATM 513 N  "N2'" . D34 D 3 .  ? 2.030   -6.654  5.282   1.00 31.69 ? 25  D34 A "N2'" 1 
HETATM 514 N  "N1'" . D34 D 3 .  ? 2.185   -7.398  3.125   1.00 30.94 ? 25  D34 A "N1'" 1 
HETATM 515 C  "C8'" . D34 D 3 .  ? 1.829   -7.889  5.738   1.00 36.33 ? 25  D34 A "C8'" 1 
HETATM 516 C  "C9'" . D34 D 3 .  ? 1.718   -8.101  7.229   1.00 40.31 ? 25  D34 A "C9'" 1 
HETATM 517 C  CAX   . D34 D 3 .  ? 3.045   -8.809  7.394   1.00 42.34 ? 25  D34 A CAX   1 
HETATM 518 C  CBX   . D34 D 3 .  ? 3.266   -8.324  5.972   1.00 40.78 ? 25  D34 A CBX   1 
HETATM 519 O  O     . HOH E 4 .  ? 5.825   -8.905  11.127  1.00 55.92 ? 28  HOH A O     1 
HETATM 520 O  O     . HOH E 4 .  ? 2.253   -3.741  -9.196  1.00 49.43 ? 29  HOH A O     1 
HETATM 521 O  O     . HOH E 4 .  ? -12.032 -4.623  1.707   1.00 39.31 ? 32  HOH A O     1 
HETATM 522 O  O     . HOH E 4 .  ? -10.976 -8.309  -2.359  1.00 32.65 ? 33  HOH A O     1 
HETATM 523 O  O     . HOH E 4 .  ? 15.088  -10.268 9.748   1.00 71.72 ? 34  HOH A O     1 
HETATM 524 O  O     . HOH E 4 .  ? 0.829   1.550   -12.215 1.00 46.37 ? 35  HOH A O     1 
HETATM 525 O  O     . HOH E 4 .  ? -4.290  -1.887  -16.448 1.00 48.76 ? 36  HOH A O     1 
HETATM 526 O  O     . HOH E 4 .  ? -1.207  -3.252  -14.760 1.00 30.33 ? 38  HOH A O     1 
HETATM 527 O  O     . HOH E 4 .  ? 1.036   -3.854  6.971   1.00 49.68 ? 39  HOH A O     1 
HETATM 528 O  O     . HOH E 4 .  ? -13.570 -4.012  7.069   1.00 47.58 ? 41  HOH A O     1 
HETATM 529 O  O     . HOH E 4 .  ? 3.359   -19.209 12.766  1.00 37.01 ? 42  HOH A O     1 
HETATM 530 O  O     . HOH E 4 .  ? 5.048   -10.582 4.871   1.00 39.75 ? 45  HOH A O     1 
HETATM 531 O  O     . HOH E 4 .  ? -10.126 -2.576  -9.648  1.00 55.82 ? 46  HOH A O     1 
HETATM 532 O  O     . HOH E 4 .  ? 5.739   -21.688 4.279   1.00 51.86 ? 47  HOH A O     1 
HETATM 533 O  O     . HOH E 4 .  ? 10.025  -1.350  5.095   1.00 56.31 ? 48  HOH A O     1 
HETATM 534 O  O     . HOH E 4 .  ? -0.849  -5.127  -16.903 1.00 27.81 ? 49  HOH A O     1 
HETATM 535 O  O     . HOH E 4 .  ? 6.742   -12.662 5.635   1.00 65.43 ? 50  HOH A O     1 
HETATM 536 O  O     . HOH E 4 .  ? -14.060 -6.309  1.053   1.00 61.17 ? 52  HOH A O     1 
HETATM 537 O  O     . HOH E 4 .  ? -5.852  -0.806  -6.895  1.00 47.98 ? 54  HOH A O     1 
HETATM 538 O  O     . HOH E 4 .  ? 4.086   3.026   -5.713  1.00 53.36 ? 58  HOH A O     1 
HETATM 539 O  O     . HOH E 4 .  ? 2.248   4.548   -12.900 1.00 35.04 ? 60  HOH A O     1 
HETATM 540 O  O     . HOH E 4 .  ? -12.509 -3.169  4.642   1.00 39.42 ? 62  HOH A O     1 
HETATM 541 O  O     . HOH E 4 .  ? -6.034  -0.637  -13.956 1.00 78.07 ? 63  HOH A O     1 
HETATM 542 O  O     . HOH E 4 .  ? 3.221   3.273   -0.179  1.00 78.53 ? 65  HOH A O     1 
HETATM 543 O  O     . HOH E 4 .  ? 8.887   -11.837 13.707  1.00 69.84 ? 70  HOH A O     1 
HETATM 544 O  O     . HOH E 4 .  ? 13.579  -5.760  9.257   1.00 42.98 ? 75  HOH A O     1 
HETATM 545 O  O     . HOH E 4 .  ? -18.410 -11.626 1.374   1.00 64.12 ? 77  HOH A O     1 
HETATM 546 O  O     . HOH E 4 .  ? 13.231  -0.781  -2.358  1.00 54.57 ? 78  HOH A O     1 
HETATM 547 O  O     . HOH E 4 .  ? -9.919  -11.689 -11.866 1.00 41.77 ? 79  HOH A O     1 
HETATM 548 O  O     . HOH E 4 .  ? -9.801  -10.731 -7.819  1.00 32.82 ? 80  HOH A O     1 
HETATM 549 O  O     . HOH E 4 .  ? 6.119   -11.814 9.784   1.00 43.70 ? 82  HOH A O     1 
HETATM 550 O  O     . HOH E 4 .  ? -7.482  -8.821  -5.068  1.00 33.24 ? 88  HOH A O     1 
HETATM 551 O  O     . HOH E 4 .  ? 9.049   -4.435  -0.143  1.00 44.58 ? 90  HOH A O     1 
HETATM 552 O  O     . HOH E 4 .  ? 10.915  -13.511 12.639  1.00 78.41 ? 91  HOH A O     1 
HETATM 553 O  O     . HOH E 4 .  ? 10.226  -19.788 7.995   1.00 42.93 ? 92  HOH A O     1 
HETATM 554 O  O     . HOH E 4 .  ? 7.653   -3.532  9.887   1.00 64.08 ? 93  HOH A O     1 
HETATM 555 O  O     . HOH E 4 .  ? 6.576   -20.457 10.451  1.00 52.45 ? 94  HOH A O     1 
HETATM 556 O  O     . HOH E 4 .  ? 15.080  -1.702  2.577   1.00 64.88 ? 95  HOH A O     1 
HETATM 557 O  O     . HOH E 4 .  ? -7.029  -8.123  -15.041 1.00 62.42 ? 96  HOH A O     1 
HETATM 558 O  O     . HOH E 4 .  ? -23.715 -14.256 -4.689  1.00 35.64 ? 97  HOH A O     1 
HETATM 559 O  O     . HOH E 4 .  ? 3.824   -21.949 7.078   1.00 70.16 ? 98  HOH A O     1 
HETATM 560 O  O     . HOH E 4 .  ? 14.205  -13.158 8.240   1.00 54.85 ? 100 HOH A O     1 
HETATM 561 O  O     . HOH E 4 .  ? 15.842  -1.292  -0.545  1.00 66.81 ? 102 HOH A O     1 
HETATM 562 O  O     . HOH E 4 .  ? 3.381   -8.551  12.783  1.00 40.73 ? 103 HOH A O     1 
HETATM 563 O  O     . HOH E 4 .  ? 12.232  -0.605  3.051   1.00 46.04 ? 104 HOH A O     1 
HETATM 564 O  O     . HOH E 4 .  ? 12.081  -6.589  -0.099  1.00 49.17 ? 107 HOH A O     1 
HETATM 565 O  O     . HOH E 4 .  ? -14.989 -13.814 -3.105  1.00 64.88 ? 109 HOH A O     1 
HETATM 566 O  O     . HOH E 4 .  ? -10.408 -2.142  2.353   1.00 49.15 ? 110 HOH A O     1 
HETATM 567 O  O     . HOH E 4 .  ? -10.145 -9.310  -5.383  1.00 56.76 ? 113 HOH A O     1 
HETATM 568 O  O     . HOH E 4 .  ? -10.238 -5.739  -0.156  1.00 50.58 ? 114 HOH A O     1 
HETATM 569 O  O     . HOH E 4 .  ? 2.673   -10.086 3.445   1.00 44.97 ? 116 HOH A O     1 
HETATM 570 O  O     . HOH E 4 .  ? 8.172   -7.603  10.850  1.00 38.83 ? 117 HOH A O     1 
HETATM 571 O  O     . HOH E 4 .  ? -18.554 -4.886  6.959   1.00 35.96 ? 120 HOH A O     1 
HETATM 572 O  O     . HOH E 4 .  ? 4.203   -18.213 9.840   1.00 44.84 ? 122 HOH A O     1 
HETATM 573 O  O     . HOH E 4 .  ? -7.301  -0.642  -9.355  1.00 67.10 ? 127 HOH A O     1 
HETATM 574 O  O     . HOH E 4 .  ? 1.528   -3.078  -14.932 1.00 17.75 ? 128 HOH A O     1 
HETATM 575 O  O     . HOH E 4 .  ? 1.230   -0.286  -13.991 1.00 22.93 ? 129 HOH A O     1 
HETATM 576 O  O     . HOH E 4 .  ? -0.422  -1.276  -16.102 1.00 25.48 ? 130 HOH A O     1 
HETATM 577 O  O     . HOH E 4 .  ? -1.207  -3.516  -14.374 1.00 16.34 ? 131 HOH A O     1 
HETATM 578 O  O     . HOH E 4 .  ? -1.444  -0.804  -13.337 1.00 14.18 ? 132 HOH A O     1 
HETATM 579 O  O     . HOH E 4 .  ? 0.543   -2.544  -12.357 1.00 19.60 ? 133 HOH A O     1 
HETATM 580 O  O     . HOH F 4 .  ? 7.688   -21.816 -10.276 1.00 72.79 ? 30  HOH B O     1 
HETATM 581 O  O     . HOH F 4 .  ? -6.707  -12.462 1.325   1.00 47.20 ? 37  HOH B O     1 
HETATM 582 O  O     . HOH F 4 .  ? -3.292  7.021   -4.745  1.00 60.58 ? 40  HOH B O     1 
HETATM 583 O  O     . HOH F 4 .  ? 8.516   -14.490 -12.791 1.00 79.24 ? 43  HOH B O     1 
HETATM 584 O  O     . HOH F 4 .  ? 12.113  -9.586  -3.422  1.00 50.47 ? 44  HOH B O     1 
HETATM 585 O  O     . HOH F 4 .  ? -0.273  -12.025 -5.295  1.00 46.51 ? 51  HOH B O     1 
HETATM 586 O  O     . HOH F 4 .  ? 2.489   -12.477 -6.243  1.00 47.23 ? 53  HOH B O     1 
HETATM 587 O  O     . HOH F 4 .  ? -6.674  8.011   -7.763  1.00 62.07 ? 56  HOH B O     1 
HETATM 588 O  O     . HOH F 4 .  ? -7.217  -17.909 -3.548  1.00 49.94 ? 59  HOH B O     1 
HETATM 589 O  O     . HOH F 4 .  ? 19.516  -10.802 -7.456  1.00 51.49 ? 66  HOH B O     1 
HETATM 590 O  O     . HOH F 4 .  ? 6.613   -12.590 -8.456  1.00 53.83 ? 68  HOH B O     1 
HETATM 591 O  O     . HOH F 4 .  ? 15.083  -4.926  -2.181  1.00 56.64 ? 71  HOH B O     1 
HETATM 592 O  O     . HOH F 4 .  ? -0.059  2.328   4.197   1.00 58.99 ? 72  HOH B O     1 
HETATM 593 O  O     . HOH F 4 .  ? 10.380  -19.990 -10.302 1.00 53.82 ? 73  HOH B O     1 
HETATM 594 O  O     . HOH F 4 .  ? -6.881  -0.886  4.727   1.00 50.21 ? 74  HOH B O     1 
HETATM 595 O  O     . HOH F 4 .  ? 17.080  -8.357  0.320   1.00 56.85 ? 76  HOH B O     1 
HETATM 596 O  O     . HOH F 4 .  ? 19.626  -5.976  -1.569  1.00 28.03 ? 81  HOH B O     1 
HETATM 597 O  O     . HOH F 4 .  ? -7.862  1.777   -6.824  1.00 40.67 ? 83  HOH B O     1 
HETATM 598 O  O     . HOH F 4 .  ? -8.900  2.674   1.432   1.00 52.31 ? 84  HOH B O     1 
HETATM 599 O  O     . HOH F 4 .  ? 16.585  -15.073 -10.180 1.00 53.13 ? 85  HOH B O     1 
HETATM 600 O  O     . HOH F 4 .  ? -11.422 1.067   -8.458  1.00 33.23 ? 86  HOH B O     1 
HETATM 601 O  O     . HOH F 4 .  ? 19.361  -3.765  -5.645  1.00 61.40 ? 87  HOH B O     1 
HETATM 602 O  O     . HOH F 4 .  ? 16.814  -5.682  0.298   1.00 72.60 ? 89  HOH B O     1 
HETATM 603 O  O     . HOH F 4 .  ? -9.936  8.895   -4.409  1.00 52.39 ? 99  HOH B O     1 
HETATM 604 O  O     . HOH F 4 .  ? 16.790  -17.239 -12.823 1.00 41.10 ? 101 HOH B O     1 
HETATM 605 O  O     . HOH F 4 .  ? 16.454  -9.130  -9.203  1.00 64.63 ? 105 HOH B O     1 
HETATM 606 O  O     . HOH F 4 .  ? -5.228  -11.144 -1.340  1.00 69.74 ? 106 HOH B O     1 
HETATM 607 O  O     . HOH F 4 .  ? 16.880  -9.524  -6.161  1.00 46.58 ? 108 HOH B O     1 
HETATM 608 O  O     . HOH F 4 .  ? 7.366   -16.027 0.453   1.00 62.14 ? 111 HOH B O     1 
HETATM 609 O  O     . HOH F 4 .  ? 14.868  -15.498 -5.865  1.00 62.35 ? 112 HOH B O     1 
HETATM 610 O  O     . HOH F 4 .  ? 16.848  -8.619  -2.870  1.00 49.22 ? 118 HOH B O     1 
HETATM 611 O  O     . HOH F 4 .  ? -5.455  -11.048 8.230   1.00 52.58 ? 119 HOH B O     1 
HETATM 612 O  O     . HOH F 4 .  ? -1.429  -14.764 -8.164  1.00 78.55 ? 123 HOH B O     1 
HETATM 613 O  O     . HOH F 4 .  ? -3.184  -22.194 1.730   1.00 45.25 ? 124 HOH B O     1 
HETATM 614 O  O     . HOH F 4 .  ? -6.607  -7.525  5.094   1.00 57.22 ? 125 HOH B O     1 
HETATM 615 O  O     . HOH F 4 .  ? 21.009  -12.805 -0.609  1.00 75.63 ? 126 HOH B O     1 
# 
